data_6O3Q
#
_entry.id   6O3Q
#
_entity_poly.entity_id   1
_entity_poly.type   'polypeptide(L)'
_entity_poly.pdbx_seq_one_letter_code
;RGPDKSYKRLQECQRRCQSEQQGQRLQECQQRCQQEYQREKGQHQGETN
;
_entity_poly.pdbx_strand_id   A
#
# COMPACT_ATOMS: atom_id res chain seq x y z
N ARG A 1 -19.54 -2.91 -4.38
CA ARG A 1 -18.41 -2.07 -4.73
C ARG A 1 -17.22 -2.45 -3.87
N GLY A 2 -16.17 -2.90 -4.50
CA GLY A 2 -15.00 -3.27 -3.78
C GLY A 2 -13.78 -2.73 -4.47
N PRO A 3 -12.76 -2.33 -3.74
CA PRO A 3 -11.51 -1.86 -4.33
C PRO A 3 -10.67 -3.04 -4.80
N ASP A 4 -9.55 -2.77 -5.45
CA ASP A 4 -8.67 -3.85 -5.89
C ASP A 4 -8.00 -4.46 -4.68
N LYS A 5 -7.49 -5.63 -4.83
CA LYS A 5 -6.83 -6.34 -3.76
C LYS A 5 -5.54 -5.65 -3.36
N SER A 6 -4.93 -4.97 -4.31
CA SER A 6 -3.71 -4.21 -4.05
C SER A 6 -4.05 -2.98 -3.20
N TYR A 7 -5.28 -2.51 -3.32
CA TYR A 7 -5.74 -1.39 -2.54
C TYR A 7 -6.06 -1.89 -1.14
N LYS A 8 -6.54 -3.12 -1.08
CA LYS A 8 -6.77 -3.81 0.18
C LYS A 8 -5.42 -3.97 0.90
N ARG A 9 -4.40 -4.39 0.14
CA ARG A 9 -3.03 -4.50 0.64
C ARG A 9 -2.57 -3.17 1.20
N LEU A 10 -2.80 -2.12 0.44
CA LEU A 10 -2.47 -0.77 0.83
C LEU A 10 -3.16 -0.38 2.14
N GLN A 11 -4.45 -0.65 2.23
CA GLN A 11 -5.23 -0.35 3.43
C GLN A 11 -4.64 -1.02 4.65
N GLU A 12 -4.41 -2.32 4.55
CA GLU A 12 -3.82 -3.09 5.63
C GLU A 12 -2.44 -2.60 5.97
N CYS A 13 -1.66 -2.32 4.94
CA CYS A 13 -0.31 -1.83 5.11
C CYS A 13 -0.29 -0.53 5.89
N GLN A 14 -1.09 0.46 5.45
CA GLN A 14 -1.13 1.74 6.12
C GLN A 14 -1.69 1.63 7.54
N ARG A 15 -2.70 0.76 7.74
CA ARG A 15 -3.22 0.54 9.09
C ARG A 15 -2.13 0.01 10.00
N ARG A 16 -1.37 -0.95 9.50
CA ARG A 16 -0.26 -1.52 10.25
C ARG A 16 0.77 -0.46 10.56
N CYS A 17 1.15 0.28 9.57
CA CYS A 17 2.12 1.36 9.74
C CYS A 17 1.72 2.33 10.83
N GLN A 18 0.43 2.63 10.93
CA GLN A 18 -0.10 3.56 11.93
C GLN A 18 -0.03 2.99 13.35
N SER A 19 0.16 1.71 13.48
CA SER A 19 0.21 1.07 14.77
C SER A 19 1.64 0.59 15.10
N GLU A 20 2.35 0.14 14.09
CA GLU A 20 3.68 -0.40 14.26
C GLU A 20 4.77 0.65 14.08
N GLN A 21 4.47 1.71 13.38
CA GLN A 21 5.45 2.73 13.11
C GLN A 21 4.91 4.08 13.56
N GLN A 22 5.80 5.04 13.69
CA GLN A 22 5.43 6.39 14.07
C GLN A 22 6.49 7.35 13.59
N GLY A 23 6.16 8.63 13.58
CA GLY A 23 7.11 9.67 13.17
C GLY A 23 7.57 9.51 11.73
N GLN A 24 8.88 9.55 11.55
CA GLN A 24 9.52 9.38 10.26
C GLN A 24 9.20 7.99 9.73
N ARG A 25 9.29 7.02 10.62
CA ARG A 25 9.01 5.64 10.30
C ARG A 25 7.61 5.45 9.78
N LEU A 26 6.66 6.22 10.28
CA LEU A 26 5.30 6.13 9.80
C LEU A 26 5.15 6.66 8.40
N GLN A 27 5.66 7.85 8.16
CA GLN A 27 5.53 8.47 6.86
C GLN A 27 6.26 7.69 5.79
N GLU A 28 7.39 7.11 6.16
CA GLU A 28 8.12 6.26 5.24
C GLU A 28 7.40 4.94 5.05
N CYS A 29 6.88 4.37 6.14
CA CYS A 29 6.18 3.09 6.10
C CYS A 29 4.99 3.17 5.16
N GLN A 30 4.13 4.16 5.39
CA GLN A 30 2.97 4.36 4.52
C GLN A 30 3.35 4.71 3.09
N GLN A 31 4.50 5.34 2.94
CA GLN A 31 5.00 5.68 1.63
C GLN A 31 5.42 4.41 0.90
N ARG A 32 6.03 3.48 1.64
CA ARG A 32 6.42 2.19 1.10
C ARG A 32 5.18 1.42 0.68
N CYS A 33 4.11 1.55 1.44
CA CYS A 33 2.83 0.93 1.10
C CYS A 33 2.35 1.45 -0.25
N GLN A 34 2.49 2.77 -0.43
CA GLN A 34 2.11 3.44 -1.66
C GLN A 34 3.00 2.96 -2.81
N GLN A 35 4.26 2.70 -2.50
CA GLN A 35 5.20 2.20 -3.49
C GLN A 35 4.85 0.77 -3.87
N GLU A 36 4.56 -0.04 -2.86
CA GLU A 36 4.15 -1.42 -3.09
C GLU A 36 2.89 -1.50 -3.91
N TYR A 37 1.94 -0.65 -3.60
CA TYR A 37 0.70 -0.51 -4.36
C TYR A 37 0.99 -0.28 -5.86
N GLN A 38 1.99 0.55 -6.14
CA GLN A 38 2.41 0.82 -7.52
C GLN A 38 3.15 -0.39 -8.09
N ARG A 39 3.87 -1.06 -7.22
CA ARG A 39 4.65 -2.22 -7.59
C ARG A 39 3.80 -3.45 -7.82
N GLU A 40 2.62 -3.49 -7.23
CA GLU A 40 1.71 -4.59 -7.47
C GLU A 40 1.06 -4.47 -8.83
N LYS A 41 1.01 -3.24 -9.34
CA LYS A 41 0.52 -3.00 -10.67
C LYS A 41 1.64 -3.27 -11.66
N GLY A 42 2.87 -3.03 -11.22
CA GLY A 42 4.03 -3.37 -12.01
C GLY A 42 4.44 -4.79 -11.66
N GLN A 43 3.65 -5.73 -12.14
CA GLN A 43 3.73 -7.15 -11.80
C GLN A 43 5.11 -7.74 -12.10
N HIS A 44 5.88 -8.05 -11.05
CA HIS A 44 7.19 -8.65 -11.25
C HIS A 44 7.04 -10.14 -11.52
N GLN A 45 6.00 -10.72 -10.94
CA GLN A 45 5.68 -12.11 -11.09
C GLN A 45 4.82 -12.28 -12.33
N GLY A 46 3.68 -11.63 -12.34
CA GLY A 46 2.79 -11.69 -13.47
C GLY A 46 1.52 -12.40 -13.13
N GLU A 47 0.46 -11.66 -12.89
CA GLU A 47 -0.83 -12.26 -12.61
C GLU A 47 -1.80 -12.00 -13.75
N THR A 48 -1.41 -11.10 -14.59
CA THR A 48 -2.17 -10.74 -15.75
C THR A 48 -1.22 -10.90 -16.95
N ASN A 49 -0.06 -11.41 -16.66
CA ASN A 49 1.00 -11.55 -17.57
C ASN A 49 1.54 -12.92 -17.40
N ARG A 1 -17.28 2.68 -1.80
CA ARG A 1 -18.08 2.12 -2.90
C ARG A 1 -17.15 1.68 -4.00
N GLY A 2 -17.06 0.38 -4.18
CA GLY A 2 -16.24 -0.19 -5.22
C GLY A 2 -14.77 0.19 -5.12
N PRO A 3 -14.07 -0.21 -4.04
CA PRO A 3 -12.64 0.05 -3.90
C PRO A 3 -11.85 -0.97 -4.71
N ASP A 4 -10.58 -0.75 -4.89
CA ASP A 4 -9.79 -1.71 -5.62
C ASP A 4 -9.18 -2.68 -4.64
N LYS A 5 -8.72 -3.79 -5.14
CA LYS A 5 -8.15 -4.83 -4.33
C LYS A 5 -6.81 -4.38 -3.81
N SER A 6 -6.07 -3.68 -4.64
CA SER A 6 -4.79 -3.14 -4.28
C SER A 6 -4.97 -2.05 -3.24
N TYR A 7 -6.13 -1.38 -3.29
CA TYR A 7 -6.45 -0.31 -2.38
C TYR A 7 -6.72 -0.89 -1.01
N LYS A 8 -7.31 -2.09 -0.98
CA LYS A 8 -7.53 -2.80 0.27
C LYS A 8 -6.20 -3.13 0.92
N ARG A 9 -5.28 -3.66 0.11
CA ARG A 9 -3.94 -4.01 0.57
C ARG A 9 -3.21 -2.77 1.08
N LEU A 10 -3.45 -1.66 0.40
CA LEU A 10 -2.89 -0.39 0.79
C LEU A 10 -3.40 0.02 2.17
N GLN A 11 -4.71 -0.07 2.37
CA GLN A 11 -5.35 0.25 3.66
C GLN A 11 -4.70 -0.54 4.76
N GLU A 12 -4.64 -1.85 4.55
CA GLU A 12 -4.04 -2.77 5.49
C GLU A 12 -2.61 -2.37 5.80
N CYS A 13 -1.82 -2.13 4.76
CA CYS A 13 -0.43 -1.79 4.92
C CYS A 13 -0.26 -0.49 5.71
N GLN A 14 -1.02 0.55 5.33
CA GLN A 14 -0.93 1.82 6.01
C GLN A 14 -1.34 1.70 7.47
N ARG A 15 -2.44 0.99 7.72
CA ARG A 15 -2.93 0.79 9.08
C ARG A 15 -1.96 0.01 9.95
N ARG A 16 -1.28 -0.97 9.36
CA ARG A 16 -0.26 -1.74 10.09
C ARG A 16 0.88 -0.81 10.47
N CYS A 17 1.22 0.06 9.55
CA CYS A 17 2.24 1.07 9.79
C CYS A 17 1.80 2.03 10.89
N GLN A 18 0.51 2.35 10.91
CA GLN A 18 -0.04 3.27 11.92
C GLN A 18 0.02 2.66 13.30
N SER A 19 0.06 1.36 13.37
CA SER A 19 0.14 0.68 14.63
C SER A 19 1.61 0.57 15.08
N GLU A 20 2.45 0.00 14.23
CA GLU A 20 3.84 -0.28 14.56
C GLU A 20 4.77 0.93 14.44
N GLN A 21 4.39 1.91 13.66
CA GLN A 21 5.27 3.04 13.43
C GLN A 21 4.60 4.37 13.74
N GLN A 22 5.44 5.35 13.93
CA GLN A 22 5.05 6.72 14.16
C GLN A 22 6.16 7.62 13.67
N GLY A 23 5.92 8.89 13.63
CA GLY A 23 6.93 9.85 13.19
C GLY A 23 7.35 9.64 11.75
N GLN A 24 8.62 9.86 11.50
CA GLN A 24 9.21 9.76 10.18
C GLN A 24 9.16 8.32 9.68
N ARG A 25 9.31 7.37 10.60
CA ARG A 25 9.26 5.97 10.24
C ARG A 25 7.89 5.58 9.72
N LEU A 26 6.84 6.18 10.26
CA LEU A 26 5.49 5.94 9.77
C LEU A 26 5.37 6.49 8.37
N GLN A 27 5.91 7.68 8.15
CA GLN A 27 5.88 8.32 6.85
C GLN A 27 6.53 7.42 5.81
N GLU A 28 7.69 6.88 6.15
CA GLU A 28 8.40 5.95 5.29
C GLU A 28 7.59 4.67 5.08
N CYS A 29 7.11 4.11 6.17
CA CYS A 29 6.38 2.85 6.16
C CYS A 29 5.16 2.94 5.23
N GLN A 30 4.32 3.95 5.43
CA GLN A 30 3.13 4.11 4.61
C GLN A 30 3.47 4.49 3.18
N GLN A 31 4.60 5.18 2.99
CA GLN A 31 5.06 5.56 1.65
C GLN A 31 5.40 4.30 0.87
N ARG A 32 6.02 3.35 1.56
CA ARG A 32 6.37 2.06 0.98
C ARG A 32 5.12 1.30 0.57
N CYS A 33 4.06 1.45 1.36
CA CYS A 33 2.77 0.85 1.06
C CYS A 33 2.19 1.48 -0.20
N GLN A 34 2.36 2.79 -0.31
CA GLN A 34 1.93 3.53 -1.47
C GLN A 34 2.70 3.10 -2.69
N GLN A 35 3.99 2.87 -2.51
CA GLN A 35 4.84 2.38 -3.59
C GLN A 35 4.30 1.06 -4.09
N GLU A 36 4.02 0.14 -3.16
CA GLU A 36 3.45 -1.16 -3.48
C GLU A 36 2.17 -1.00 -4.27
N TYR A 37 1.27 -0.17 -3.74
CA TYR A 37 -0.01 0.11 -4.36
C TYR A 37 0.15 0.59 -5.79
N GLN A 38 0.97 1.62 -5.98
CA GLN A 38 1.21 2.21 -7.30
C GLN A 38 1.69 1.16 -8.28
N ARG A 39 2.63 0.37 -7.84
CA ARG A 39 3.22 -0.64 -8.68
C ARG A 39 2.23 -1.75 -8.99
N GLU A 40 1.46 -2.20 -8.00
CA GLU A 40 0.52 -3.30 -8.24
C GLU A 40 -0.72 -2.85 -9.03
N LYS A 41 -0.87 -1.54 -9.23
CA LYS A 41 -1.92 -1.04 -10.10
C LYS A 41 -1.61 -1.45 -11.53
N GLY A 42 -0.34 -1.45 -11.87
CA GLY A 42 0.08 -1.88 -13.16
C GLY A 42 0.72 -3.24 -13.05
N GLN A 43 2.02 -3.25 -12.95
CA GLN A 43 2.77 -4.47 -12.75
C GLN A 43 3.68 -4.29 -11.56
N HIS A 44 3.37 -4.98 -10.48
CA HIS A 44 4.21 -4.91 -9.29
C HIS A 44 5.47 -5.69 -9.61
N GLN A 45 5.24 -6.87 -10.10
CA GLN A 45 6.26 -7.75 -10.55
C GLN A 45 5.73 -8.46 -11.76
N GLY A 46 6.02 -7.93 -12.91
CA GLY A 46 5.48 -8.50 -14.09
C GLY A 46 6.53 -8.86 -15.08
N GLU A 47 6.14 -8.89 -16.32
CA GLU A 47 7.02 -9.24 -17.39
C GLU A 47 7.27 -8.00 -18.21
N THR A 48 8.30 -8.02 -19.00
CA THR A 48 8.64 -6.88 -19.81
C THR A 48 7.90 -6.99 -21.17
N ASN A 49 7.13 -8.08 -21.29
CA ASN A 49 6.32 -8.41 -22.46
C ASN A 49 7.20 -8.78 -23.62
N ARG A 1 -20.43 -1.54 -2.40
CA ARG A 1 -19.36 -0.62 -2.82
C ARG A 1 -18.40 -1.36 -3.71
N GLY A 2 -17.41 -0.69 -4.25
CA GLY A 2 -16.46 -1.34 -5.10
C GLY A 2 -15.04 -0.85 -4.85
N PRO A 3 -14.34 -1.42 -3.87
CA PRO A 3 -12.97 -1.03 -3.59
C PRO A 3 -11.98 -1.73 -4.53
N ASP A 4 -10.79 -1.21 -4.61
CA ASP A 4 -9.77 -1.79 -5.46
C ASP A 4 -8.86 -2.69 -4.65
N LYS A 5 -8.17 -3.56 -5.30
CA LYS A 5 -7.28 -4.51 -4.66
C LYS A 5 -6.08 -3.79 -4.09
N SER A 6 -5.52 -2.91 -4.86
CA SER A 6 -4.33 -2.19 -4.47
C SER A 6 -4.65 -1.20 -3.36
N TYR A 7 -5.86 -0.67 -3.39
CA TYR A 7 -6.25 0.29 -2.40
C TYR A 7 -6.58 -0.45 -1.11
N LYS A 8 -7.07 -1.67 -1.25
CA LYS A 8 -7.39 -2.50 -0.11
C LYS A 8 -6.12 -2.89 0.63
N ARG A 9 -5.10 -3.34 -0.12
CA ARG A 9 -3.81 -3.69 0.49
C ARG A 9 -3.16 -2.46 1.10
N LEU A 10 -3.40 -1.31 0.48
CA LEU A 10 -2.87 -0.04 0.93
C LEU A 10 -3.43 0.31 2.30
N GLN A 11 -4.74 0.16 2.44
CA GLN A 11 -5.42 0.42 3.71
C GLN A 11 -4.82 -0.43 4.82
N GLU A 12 -4.78 -1.73 4.60
CA GLU A 12 -4.21 -2.67 5.55
C GLU A 12 -2.75 -2.34 5.85
N CYS A 13 -2.00 -1.98 4.82
CA CYS A 13 -0.60 -1.67 4.95
C CYS A 13 -0.41 -0.42 5.82
N GLN A 14 -1.17 0.63 5.50
CA GLN A 14 -1.09 1.88 6.25
C GLN A 14 -1.52 1.68 7.68
N ARG A 15 -2.62 0.96 7.89
CA ARG A 15 -3.12 0.68 9.24
C ARG A 15 -2.07 0.01 10.10
N ARG A 16 -1.35 -0.93 9.52
CA ARG A 16 -0.27 -1.60 10.22
C ARG A 16 0.86 -0.64 10.50
N CYS A 17 1.22 0.13 9.51
CA CYS A 17 2.25 1.15 9.66
C CYS A 17 1.90 2.15 10.76
N GLN A 18 0.63 2.47 10.89
CA GLN A 18 0.18 3.42 11.91
C GLN A 18 0.22 2.82 13.32
N SER A 19 0.38 1.52 13.39
CA SER A 19 0.44 0.83 14.65
C SER A 19 1.91 0.51 15.01
N GLU A 20 2.63 -0.06 14.05
CA GLU A 20 3.99 -0.50 14.24
C GLU A 20 4.99 0.65 14.13
N GLN A 21 4.62 1.71 13.41
CA GLN A 21 5.52 2.81 13.20
C GLN A 21 4.86 4.10 13.65
N GLN A 22 5.62 5.16 13.68
CA GLN A 22 5.15 6.46 14.12
C GLN A 22 6.02 7.54 13.54
N GLY A 23 5.47 8.73 13.45
CA GLY A 23 6.16 9.92 12.96
C GLY A 23 6.84 9.73 11.63
N GLN A 24 8.13 10.02 11.61
CA GLN A 24 8.96 9.92 10.44
C GLN A 24 9.00 8.48 9.93
N ARG A 25 9.05 7.54 10.86
CA ARG A 25 9.08 6.13 10.51
C ARG A 25 7.76 5.69 9.89
N LEU A 26 6.68 6.33 10.32
CA LEU A 26 5.38 6.07 9.73
C LEU A 26 5.35 6.54 8.31
N GLN A 27 5.93 7.71 8.06
CA GLN A 27 6.01 8.25 6.72
C GLN A 27 6.81 7.35 5.80
N GLU A 28 7.85 6.75 6.33
CA GLU A 28 8.66 5.81 5.58
C GLU A 28 7.85 4.55 5.26
N CYS A 29 7.19 4.03 6.29
CA CYS A 29 6.41 2.81 6.19
C CYS A 29 5.23 2.96 5.22
N GLN A 30 4.42 4.01 5.41
CA GLN A 30 3.25 4.19 4.56
C GLN A 30 3.66 4.49 3.12
N GLN A 31 4.83 5.09 2.94
CA GLN A 31 5.35 5.38 1.62
C GLN A 31 5.68 4.08 0.89
N ARG A 32 6.12 3.07 1.64
CA ARG A 32 6.39 1.76 1.08
C ARG A 32 5.08 1.20 0.54
N CYS A 33 4.03 1.36 1.33
CA CYS A 33 2.69 0.91 0.98
C CYS A 33 2.19 1.60 -0.29
N GLN A 34 2.44 2.92 -0.38
CA GLN A 34 2.06 3.72 -1.54
C GLN A 34 2.73 3.20 -2.79
N GLN A 35 3.99 2.85 -2.66
CA GLN A 35 4.74 2.30 -3.76
C GLN A 35 4.14 0.98 -4.23
N GLU A 36 3.87 0.10 -3.29
CA GLU A 36 3.24 -1.20 -3.59
C GLU A 36 1.89 -1.00 -4.30
N TYR A 37 1.11 -0.08 -3.77
CA TYR A 37 -0.17 0.33 -4.34
C TYR A 37 0.00 0.72 -5.83
N GLN A 38 0.97 1.56 -6.09
CA GLN A 38 1.26 2.01 -7.45
C GLN A 38 1.83 0.87 -8.30
N ARG A 39 2.56 -0.01 -7.66
CA ARG A 39 3.18 -1.15 -8.33
C ARG A 39 2.16 -2.19 -8.77
N GLU A 40 0.95 -2.14 -8.26
CA GLU A 40 -0.07 -3.05 -8.77
C GLU A 40 -0.77 -2.46 -10.00
N LYS A 41 -0.52 -1.18 -10.25
CA LYS A 41 -1.02 -0.51 -11.45
C LYS A 41 0.00 -0.69 -12.57
N GLY A 42 1.03 -1.42 -12.24
CA GLY A 42 2.08 -1.81 -13.13
C GLY A 42 2.60 -3.12 -12.63
N GLN A 43 3.87 -3.19 -12.33
CA GLN A 43 4.45 -4.39 -11.74
C GLN A 43 5.41 -4.00 -10.63
N HIS A 44 5.57 -4.85 -9.64
CA HIS A 44 6.50 -4.59 -8.54
C HIS A 44 7.87 -5.03 -8.99
N GLN A 45 7.87 -6.14 -9.70
CA GLN A 45 9.07 -6.71 -10.28
C GLN A 45 9.58 -5.82 -11.40
N GLY A 46 10.81 -6.03 -11.77
CA GLY A 46 11.40 -5.28 -12.85
C GLY A 46 11.96 -6.21 -13.87
N GLU A 47 11.31 -7.36 -13.99
CA GLU A 47 11.76 -8.42 -14.88
C GLU A 47 10.95 -8.40 -16.18
N THR A 48 10.22 -7.34 -16.37
CA THR A 48 9.42 -7.15 -17.57
C THR A 48 9.40 -5.66 -17.94
N ASN A 49 9.18 -4.84 -16.95
CA ASN A 49 9.13 -3.42 -17.13
C ASN A 49 9.89 -2.78 -15.99
N ARG A 1 -16.31 -3.94 -10.25
CA ARG A 1 -15.12 -4.23 -9.45
C ARG A 1 -15.42 -3.91 -8.00
N GLY A 2 -15.37 -4.93 -7.16
CA GLY A 2 -15.56 -4.73 -5.74
C GLY A 2 -14.25 -4.29 -5.09
N PRO A 3 -14.06 -4.52 -3.80
CA PRO A 3 -12.80 -4.21 -3.14
C PRO A 3 -11.66 -5.01 -3.76
N ASP A 4 -10.63 -4.33 -4.11
CA ASP A 4 -9.53 -4.91 -4.86
C ASP A 4 -8.53 -5.47 -3.88
N LYS A 5 -7.70 -6.34 -4.37
CA LYS A 5 -6.68 -6.99 -3.57
C LYS A 5 -5.65 -5.94 -3.22
N SER A 6 -5.28 -5.19 -4.23
CA SER A 6 -4.25 -4.21 -4.16
C SER A 6 -4.62 -3.04 -3.24
N TYR A 7 -5.87 -2.60 -3.31
CA TYR A 7 -6.26 -1.48 -2.49
C TYR A 7 -6.49 -1.95 -1.05
N LYS A 8 -6.94 -3.19 -0.90
CA LYS A 8 -7.17 -3.77 0.40
C LYS A 8 -5.85 -3.91 1.15
N ARG A 9 -4.85 -4.45 0.47
CA ARG A 9 -3.55 -4.63 1.09
C ARG A 9 -2.90 -3.28 1.40
N LEU A 10 -3.12 -2.29 0.52
CA LEU A 10 -2.57 -0.94 0.69
C LEU A 10 -3.16 -0.26 1.92
N GLN A 11 -4.47 -0.23 2.00
CA GLN A 11 -5.16 0.41 3.12
C GLN A 11 -4.79 -0.25 4.44
N GLU A 12 -4.73 -1.57 4.45
CA GLU A 12 -4.34 -2.29 5.65
C GLU A 12 -2.89 -2.04 5.98
N CYS A 13 -2.04 -2.00 4.95
CA CYS A 13 -0.61 -1.77 5.13
C CYS A 13 -0.37 -0.44 5.84
N GLN A 14 -0.99 0.63 5.35
CA GLN A 14 -0.80 1.94 5.95
C GLN A 14 -1.33 1.97 7.39
N ARG A 15 -2.44 1.29 7.64
CA ARG A 15 -2.99 1.23 8.99
C ARG A 15 -2.07 0.43 9.91
N ARG A 16 -1.48 -0.62 9.36
CA ARG A 16 -0.49 -1.44 10.08
C ARG A 16 0.71 -0.60 10.43
N CYS A 17 1.12 0.20 9.50
CA CYS A 17 2.21 1.13 9.71
C CYS A 17 1.93 2.07 10.86
N GLN A 18 0.69 2.48 11.02
CA GLN A 18 0.28 3.37 12.12
C GLN A 18 0.37 2.65 13.47
N SER A 19 0.38 1.36 13.42
CA SER A 19 0.46 0.54 14.60
C SER A 19 1.93 0.23 14.92
N GLU A 20 2.67 -0.19 13.92
CA GLU A 20 4.04 -0.66 14.11
C GLU A 20 5.06 0.47 14.05
N GLN A 21 4.73 1.54 13.37
CA GLN A 21 5.65 2.65 13.19
C GLN A 21 5.01 3.92 13.69
N GLN A 22 5.79 4.97 13.73
CA GLN A 22 5.33 6.27 14.20
C GLN A 22 6.17 7.36 13.58
N GLY A 23 5.67 8.58 13.65
CA GLY A 23 6.38 9.76 13.20
C GLY A 23 6.87 9.70 11.77
N GLN A 24 8.14 10.01 11.59
CA GLN A 24 8.79 10.04 10.29
C GLN A 24 8.85 8.62 9.72
N ARG A 25 9.07 7.66 10.62
CA ARG A 25 9.15 6.26 10.24
C ARG A 25 7.80 5.78 9.72
N LEU A 26 6.74 6.35 10.23
CA LEU A 26 5.40 6.07 9.76
C LEU A 26 5.22 6.56 8.35
N GLN A 27 5.70 7.76 8.09
CA GLN A 27 5.63 8.36 6.76
C GLN A 27 6.30 7.45 5.76
N GLU A 28 7.48 6.97 6.15
CA GLU A 28 8.26 6.06 5.33
C GLU A 28 7.56 4.72 5.16
N CYS A 29 7.02 4.19 6.24
CA CYS A 29 6.33 2.90 6.21
C CYS A 29 5.12 2.97 5.29
N GLN A 30 4.29 3.99 5.47
CA GLN A 30 3.11 4.20 4.62
C GLN A 30 3.52 4.48 3.17
N GLN A 31 4.65 5.15 3.01
CA GLN A 31 5.23 5.44 1.71
C GLN A 31 5.55 4.12 0.99
N ARG A 32 6.14 3.18 1.73
CA ARG A 32 6.46 1.85 1.20
C ARG A 32 5.20 1.16 0.70
N CYS A 33 4.13 1.26 1.49
CA CYS A 33 2.85 0.65 1.12
C CYS A 33 2.35 1.25 -0.19
N GLN A 34 2.46 2.56 -0.31
CA GLN A 34 2.00 3.27 -1.50
C GLN A 34 2.85 2.89 -2.71
N GLN A 35 4.15 2.68 -2.48
CA GLN A 35 5.06 2.23 -3.52
C GLN A 35 4.58 0.87 -4.03
N GLU A 36 4.27 -0.02 -3.10
CA GLU A 36 3.75 -1.33 -3.40
C GLU A 36 2.48 -1.25 -4.21
N TYR A 37 1.57 -0.41 -3.77
CA TYR A 37 0.29 -0.22 -4.45
C TYR A 37 0.48 0.20 -5.92
N GLN A 38 1.47 1.01 -6.18
CA GLN A 38 1.78 1.45 -7.56
C GLN A 38 2.34 0.30 -8.40
N ARG A 39 3.03 -0.59 -7.77
CA ARG A 39 3.65 -1.73 -8.45
C ARG A 39 2.62 -2.84 -8.65
N GLU A 40 1.92 -3.11 -7.60
CA GLU A 40 0.99 -4.22 -7.53
C GLU A 40 -0.44 -3.78 -7.80
N LYS A 41 -0.61 -2.61 -8.42
CA LYS A 41 -1.95 -2.10 -8.77
C LYS A 41 -2.65 -3.04 -9.73
N GLY A 42 -1.87 -3.71 -10.50
CA GLY A 42 -2.30 -4.72 -11.39
C GLY A 42 -1.27 -5.78 -11.33
N GLN A 43 -1.69 -7.02 -11.31
CA GLN A 43 -0.77 -8.12 -11.21
C GLN A 43 -0.13 -8.41 -12.55
N HIS A 44 0.90 -7.64 -12.82
CA HIS A 44 1.66 -7.75 -14.06
C HIS A 44 2.92 -8.52 -13.79
N GLN A 45 3.51 -8.27 -12.64
CA GLN A 45 4.71 -8.96 -12.23
C GLN A 45 4.33 -10.35 -11.80
N GLY A 46 3.18 -10.44 -11.17
CA GLY A 46 2.63 -11.70 -10.75
C GLY A 46 2.14 -12.51 -11.91
N GLU A 47 2.52 -13.75 -11.94
CA GLU A 47 2.08 -14.64 -12.97
C GLU A 47 0.76 -15.25 -12.57
N THR A 48 -0.05 -15.57 -13.54
CA THR A 48 -1.32 -16.17 -13.30
C THR A 48 -1.10 -17.66 -12.98
N ASN A 49 -0.86 -17.94 -11.72
CA ASN A 49 -0.60 -19.28 -11.24
C ASN A 49 -1.01 -19.37 -9.80
N ARG A 1 -15.87 -1.97 -11.04
CA ARG A 1 -16.16 -0.89 -10.11
C ARG A 1 -15.89 -1.37 -8.69
N GLY A 2 -15.84 -0.44 -7.76
CA GLY A 2 -15.55 -0.80 -6.40
C GLY A 2 -14.11 -0.47 -6.06
N PRO A 3 -13.64 -0.80 -4.86
CA PRO A 3 -12.26 -0.55 -4.47
C PRO A 3 -11.30 -1.57 -5.09
N ASP A 4 -10.06 -1.18 -5.27
CA ASP A 4 -9.05 -2.07 -5.83
C ASP A 4 -8.55 -3.00 -4.77
N LYS A 5 -8.14 -4.19 -5.19
CA LYS A 5 -7.60 -5.20 -4.27
C LYS A 5 -6.36 -4.63 -3.58
N SER A 6 -5.50 -4.05 -4.38
CA SER A 6 -4.29 -3.42 -3.90
C SER A 6 -4.57 -2.20 -3.03
N TYR A 7 -5.73 -1.57 -3.21
CA TYR A 7 -6.08 -0.41 -2.41
C TYR A 7 -6.49 -0.88 -1.03
N LYS A 8 -7.14 -2.01 -0.99
CA LYS A 8 -7.54 -2.62 0.26
C LYS A 8 -6.29 -3.07 1.03
N ARG A 9 -5.33 -3.63 0.28
CA ARG A 9 -4.05 -4.03 0.87
C ARG A 9 -3.28 -2.80 1.33
N LEU A 10 -3.41 -1.71 0.58
CA LEU A 10 -2.79 -0.42 0.92
C LEU A 10 -3.33 0.11 2.23
N GLN A 11 -4.63 0.06 2.39
CA GLN A 11 -5.28 0.49 3.62
C GLN A 11 -4.76 -0.33 4.79
N GLU A 12 -4.76 -1.65 4.63
CA GLU A 12 -4.20 -2.53 5.62
C GLU A 12 -2.74 -2.24 5.89
N CYS A 13 -1.98 -1.97 4.87
CA CYS A 13 -0.56 -1.68 5.02
C CYS A 13 -0.37 -0.41 5.87
N GLN A 14 -1.13 0.64 5.53
CA GLN A 14 -1.05 1.90 6.25
C GLN A 14 -1.51 1.75 7.70
N ARG A 15 -2.64 1.04 7.93
CA ARG A 15 -3.09 0.82 9.27
C ARG A 15 -2.13 -0.03 10.11
N ARG A 16 -1.29 -0.82 9.45
CA ARG A 16 -0.25 -1.55 10.16
C ARG A 16 0.88 -0.60 10.49
N CYS A 17 1.26 0.18 9.50
CA CYS A 17 2.33 1.15 9.64
C CYS A 17 2.08 2.12 10.79
N GLN A 18 0.85 2.54 10.95
CA GLN A 18 0.51 3.51 11.99
C GLN A 18 0.43 2.86 13.37
N SER A 19 0.41 1.56 13.38
CA SER A 19 0.36 0.83 14.62
C SER A 19 1.77 0.43 15.06
N GLU A 20 2.57 -0.08 14.12
CA GLU A 20 3.92 -0.51 14.42
C GLU A 20 4.92 0.65 14.38
N GLN A 21 4.61 1.69 13.63
CA GLN A 21 5.52 2.80 13.49
C GLN A 21 4.82 4.10 13.86
N GLN A 22 5.60 5.14 13.99
CA GLN A 22 5.09 6.46 14.27
C GLN A 22 6.06 7.47 13.70
N GLY A 23 5.66 8.72 13.68
CA GLY A 23 6.50 9.80 13.21
C GLY A 23 6.97 9.62 11.78
N GLN A 24 8.26 9.78 11.58
CA GLN A 24 8.83 9.69 10.26
C GLN A 24 8.86 8.24 9.80
N ARG A 25 8.99 7.33 10.75
CA ARG A 25 8.94 5.90 10.45
C ARG A 25 7.60 5.54 9.83
N LEU A 26 6.55 6.18 10.31
CA LEU A 26 5.24 5.96 9.74
C LEU A 26 5.19 6.49 8.32
N GLN A 27 5.76 7.67 8.12
CA GLN A 27 5.84 8.28 6.79
C GLN A 27 6.58 7.37 5.82
N GLU A 28 7.74 6.87 6.25
CA GLU A 28 8.53 5.95 5.44
C GLU A 28 7.73 4.69 5.13
N CYS A 29 7.09 4.14 6.15
CA CYS A 29 6.34 2.91 6.02
C CYS A 29 5.16 3.07 5.05
N GLN A 30 4.27 4.06 5.30
CA GLN A 30 3.11 4.25 4.41
C GLN A 30 3.53 4.59 2.97
N GLN A 31 4.64 5.32 2.85
CA GLN A 31 5.21 5.68 1.55
C GLN A 31 5.52 4.43 0.75
N ARG A 32 6.12 3.46 1.42
CA ARG A 32 6.49 2.21 0.80
C ARG A 32 5.25 1.43 0.45
N CYS A 33 4.22 1.51 1.28
CA CYS A 33 2.94 0.87 1.01
C CYS A 33 2.33 1.42 -0.27
N GLN A 34 2.53 2.72 -0.51
CA GLN A 34 2.05 3.38 -1.71
C GLN A 34 2.78 2.84 -2.93
N GLN A 35 4.06 2.56 -2.75
CA GLN A 35 4.87 2.02 -3.82
C GLN A 35 4.47 0.60 -4.10
N GLU A 36 4.24 -0.15 -3.02
CA GLU A 36 3.73 -1.51 -3.11
C GLU A 36 2.43 -1.52 -3.90
N TYR A 37 1.52 -0.64 -3.49
CA TYR A 37 0.24 -0.42 -4.16
C TYR A 37 0.43 -0.14 -5.65
N GLN A 38 1.31 0.78 -5.98
CA GLN A 38 1.57 1.13 -7.37
C GLN A 38 2.17 -0.04 -8.15
N ARG A 39 3.08 -0.77 -7.50
CA ARG A 39 3.73 -1.90 -8.14
C ARG A 39 2.83 -3.12 -8.23
N GLU A 40 1.78 -3.16 -7.42
CA GLU A 40 0.82 -4.25 -7.53
C GLU A 40 -0.04 -4.06 -8.74
N LYS A 41 -0.30 -2.82 -9.08
CA LYS A 41 -1.10 -2.52 -10.22
C LYS A 41 -0.22 -2.54 -11.44
N GLY A 42 0.94 -1.96 -11.30
CA GLY A 42 1.90 -1.93 -12.35
C GLY A 42 1.92 -0.57 -12.98
N GLN A 43 1.56 -0.53 -14.22
CA GLN A 43 1.52 0.71 -14.97
C GLN A 43 0.16 1.36 -14.76
N HIS A 44 0.00 2.60 -15.20
CA HIS A 44 -1.28 3.26 -15.03
C HIS A 44 -2.15 3.11 -16.28
N GLN A 45 -1.55 2.54 -17.32
CA GLN A 45 -2.25 2.22 -18.53
C GLN A 45 -3.15 1.01 -18.26
N GLY A 46 -4.44 1.23 -18.36
CA GLY A 46 -5.40 0.21 -18.06
C GLY A 46 -6.65 0.84 -17.52
N GLU A 47 -6.52 1.53 -16.42
CA GLU A 47 -7.63 2.25 -15.79
C GLU A 47 -7.70 3.66 -16.32
N THR A 48 -7.01 3.85 -17.43
CA THR A 48 -7.01 5.05 -18.21
C THR A 48 -8.40 5.25 -18.83
N ASN A 49 -9.15 4.18 -18.88
CA ASN A 49 -10.49 4.17 -19.36
C ASN A 49 -11.36 3.58 -18.25
N ARG A 1 -17.75 2.57 -2.18
CA ARG A 1 -17.57 1.38 -3.01
C ARG A 1 -16.83 0.33 -2.26
N GLY A 2 -16.79 -0.86 -2.81
CA GLY A 2 -16.01 -1.91 -2.25
C GLY A 2 -14.76 -2.08 -3.07
N PRO A 3 -13.60 -1.59 -2.59
CA PRO A 3 -12.37 -1.61 -3.37
C PRO A 3 -11.74 -3.00 -3.48
N ASP A 4 -10.86 -3.13 -4.44
CA ASP A 4 -10.18 -4.37 -4.80
C ASP A 4 -9.24 -4.85 -3.71
N LYS A 5 -8.85 -6.09 -3.86
CA LYS A 5 -7.97 -6.81 -2.94
C LYS A 5 -6.65 -6.08 -2.79
N SER A 6 -6.15 -5.51 -3.88
CA SER A 6 -4.89 -4.80 -3.87
C SER A 6 -5.00 -3.54 -2.98
N TYR A 7 -6.16 -2.92 -3.02
CA TYR A 7 -6.40 -1.72 -2.26
C TYR A 7 -6.64 -2.09 -0.81
N LYS A 8 -7.22 -3.26 -0.60
CA LYS A 8 -7.38 -3.80 0.74
C LYS A 8 -6.00 -4.02 1.34
N ARG A 9 -5.10 -4.61 0.54
CA ARG A 9 -3.68 -4.80 0.94
C ARG A 9 -3.06 -3.48 1.36
N LEU A 10 -3.35 -2.44 0.59
CA LEU A 10 -2.85 -1.10 0.87
C LEU A 10 -3.34 -0.62 2.23
N GLN A 11 -4.62 -0.76 2.46
CA GLN A 11 -5.23 -0.35 3.71
C GLN A 11 -4.63 -1.12 4.87
N GLU A 12 -4.52 -2.43 4.71
CA GLU A 12 -3.89 -3.29 5.72
C GLU A 12 -2.47 -2.78 6.01
N CYS A 13 -1.74 -2.52 4.94
CA CYS A 13 -0.35 -2.06 5.01
C CYS A 13 -0.26 -0.76 5.82
N GLN A 14 -1.03 0.24 5.38
CA GLN A 14 -1.02 1.56 5.97
C GLN A 14 -1.51 1.56 7.42
N ARG A 15 -2.55 0.79 7.70
CA ARG A 15 -3.08 0.71 9.05
C ARG A 15 -2.08 0.04 10.00
N ARG A 16 -1.36 -0.94 9.51
CA ARG A 16 -0.32 -1.59 10.31
C ARG A 16 0.82 -0.65 10.57
N CYS A 17 1.20 0.07 9.54
CA CYS A 17 2.26 1.06 9.63
C CYS A 17 1.96 2.11 10.69
N GLN A 18 0.72 2.55 10.78
CA GLN A 18 0.38 3.61 11.73
C GLN A 18 0.21 3.08 13.15
N SER A 19 0.13 1.78 13.27
CA SER A 19 0.01 1.16 14.55
C SER A 19 1.42 0.86 15.12
N GLU A 20 2.27 0.28 14.29
CA GLU A 20 3.60 -0.13 14.71
C GLU A 20 4.65 0.98 14.56
N GLN A 21 4.41 1.90 13.67
CA GLN A 21 5.38 2.96 13.40
C GLN A 21 4.77 4.31 13.71
N GLN A 22 5.62 5.28 13.87
CA GLN A 22 5.23 6.65 14.16
C GLN A 22 6.28 7.58 13.59
N GLY A 23 6.00 8.85 13.62
CA GLY A 23 6.92 9.86 13.15
C GLY A 23 7.34 9.66 11.72
N GLN A 24 8.64 9.70 11.47
CA GLN A 24 9.15 9.54 10.14
C GLN A 24 9.06 8.09 9.73
N ARG A 25 9.13 7.20 10.70
CA ARG A 25 9.08 5.76 10.45
C ARG A 25 7.72 5.41 9.83
N LEU A 26 6.65 6.04 10.34
CA LEU A 26 5.33 5.85 9.76
C LEU A 26 5.30 6.39 8.36
N GLN A 27 5.83 7.59 8.18
CA GLN A 27 5.88 8.22 6.88
C GLN A 27 6.60 7.34 5.85
N GLU A 28 7.72 6.76 6.25
CA GLU A 28 8.45 5.85 5.38
C GLU A 28 7.69 4.55 5.13
N CYS A 29 7.03 4.04 6.15
CA CYS A 29 6.30 2.80 6.04
C CYS A 29 5.10 2.98 5.11
N GLN A 30 4.31 4.04 5.33
CA GLN A 30 3.15 4.31 4.48
C GLN A 30 3.59 4.69 3.06
N GLN A 31 4.78 5.29 2.94
CA GLN A 31 5.37 5.61 1.65
C GLN A 31 5.56 4.32 0.87
N ARG A 32 6.12 3.30 1.54
CA ARG A 32 6.27 1.99 0.94
C ARG A 32 4.97 1.46 0.48
N CYS A 33 3.98 1.49 1.37
CA CYS A 33 2.64 1.02 1.06
C CYS A 33 2.12 1.69 -0.20
N GLN A 34 2.30 3.01 -0.30
CA GLN A 34 1.90 3.77 -1.48
C GLN A 34 2.65 3.30 -2.73
N GLN A 35 3.97 3.19 -2.64
CA GLN A 35 4.80 2.82 -3.79
C GLN A 35 4.50 1.40 -4.25
N GLU A 36 4.54 0.49 -3.32
CA GLU A 36 4.36 -0.92 -3.57
C GLU A 36 2.96 -1.25 -4.08
N TYR A 37 1.98 -0.59 -3.52
CA TYR A 37 0.60 -0.68 -4.02
C TYR A 37 0.51 -0.27 -5.48
N GLN A 38 1.23 0.77 -5.86
CA GLN A 38 1.22 1.23 -7.25
C GLN A 38 1.91 0.23 -8.17
N ARG A 39 2.80 -0.54 -7.60
CA ARG A 39 3.51 -1.57 -8.34
C ARG A 39 2.61 -2.79 -8.55
N GLU A 40 1.74 -3.02 -7.60
CA GLU A 40 0.84 -4.18 -7.66
C GLU A 40 -0.63 -3.77 -7.68
N LYS A 41 -0.90 -2.62 -8.27
CA LYS A 41 -2.26 -2.09 -8.30
C LYS A 41 -3.21 -2.93 -9.16
N GLY A 42 -2.77 -3.33 -10.32
CA GLY A 42 -3.60 -4.11 -11.19
C GLY A 42 -2.86 -5.27 -11.78
N GLN A 43 -2.34 -6.11 -10.92
CA GLN A 43 -1.59 -7.27 -11.37
C GLN A 43 -2.53 -8.34 -11.85
N HIS A 44 -2.06 -9.13 -12.76
CA HIS A 44 -2.87 -10.15 -13.38
C HIS A 44 -2.88 -11.45 -12.58
N GLN A 45 -2.57 -11.37 -11.30
CA GLN A 45 -2.70 -12.51 -10.44
C GLN A 45 -4.09 -12.50 -9.83
N GLY A 46 -4.58 -11.33 -9.56
CA GLY A 46 -5.90 -11.16 -9.05
C GLY A 46 -6.85 -10.81 -10.16
N GLU A 47 -8.12 -10.89 -9.89
CA GLU A 47 -9.13 -10.60 -10.88
C GLU A 47 -9.44 -9.11 -10.90
N THR A 48 -9.89 -8.62 -12.04
CA THR A 48 -10.30 -7.25 -12.17
C THR A 48 -11.83 -7.17 -12.05
N ASN A 49 -12.43 -8.34 -11.99
CA ASN A 49 -13.86 -8.47 -11.82
C ASN A 49 -14.07 -9.47 -10.71
N ARG A 1 -15.73 2.30 -0.56
CA ARG A 1 -14.60 1.75 -1.31
C ARG A 1 -14.98 0.44 -1.98
N GLY A 2 -14.61 0.29 -3.23
CA GLY A 2 -14.82 -0.95 -3.93
C GLY A 2 -13.58 -1.81 -3.76
N PRO A 3 -13.69 -3.14 -3.65
CA PRO A 3 -12.55 -4.02 -3.38
C PRO A 3 -11.54 -4.15 -4.49
N ASP A 4 -10.48 -3.49 -4.29
CA ASP A 4 -9.29 -3.62 -5.10
C ASP A 4 -8.30 -4.46 -4.36
N LYS A 5 -7.72 -5.44 -4.99
CA LYS A 5 -6.81 -6.34 -4.31
C LYS A 5 -5.53 -5.60 -3.89
N SER A 6 -5.10 -4.70 -4.73
CA SER A 6 -3.94 -3.91 -4.45
C SER A 6 -4.24 -2.88 -3.34
N TYR A 7 -5.49 -2.45 -3.28
CA TYR A 7 -5.88 -1.46 -2.30
C TYR A 7 -6.10 -2.15 -0.97
N LYS A 8 -6.49 -3.41 -1.01
CA LYS A 8 -6.62 -4.22 0.19
C LYS A 8 -5.27 -4.27 0.88
N ARG A 9 -4.22 -4.49 0.08
CA ARG A 9 -2.85 -4.47 0.56
C ARG A 9 -2.54 -3.13 1.20
N LEU A 10 -2.87 -2.07 0.47
CA LEU A 10 -2.60 -0.71 0.90
C LEU A 10 -3.28 -0.37 2.22
N GLN A 11 -4.57 -0.67 2.33
CA GLN A 11 -5.36 -0.42 3.55
C GLN A 11 -4.70 -1.03 4.76
N GLU A 12 -4.43 -2.32 4.68
CA GLU A 12 -3.80 -3.03 5.76
C GLU A 12 -2.41 -2.49 6.03
N CYS A 13 -1.63 -2.31 4.96
CA CYS A 13 -0.25 -1.86 5.08
C CYS A 13 -0.16 -0.51 5.79
N GLN A 14 -0.97 0.47 5.37
CA GLN A 14 -0.95 1.80 5.99
C GLN A 14 -1.36 1.73 7.44
N ARG A 15 -2.41 0.98 7.71
CA ARG A 15 -2.92 0.86 9.06
C ARG A 15 -1.96 0.14 9.97
N ARG A 16 -1.25 -0.85 9.42
CA ARG A 16 -0.20 -1.53 10.16
C ARG A 16 0.86 -0.55 10.53
N CYS A 17 1.27 0.25 9.56
CA CYS A 17 2.25 1.30 9.78
C CYS A 17 1.80 2.26 10.87
N GLN A 18 0.51 2.56 10.89
CA GLN A 18 -0.05 3.48 11.87
C GLN A 18 -0.04 2.93 13.29
N SER A 19 0.07 1.64 13.43
CA SER A 19 0.09 1.02 14.72
C SER A 19 1.52 0.58 15.11
N GLU A 20 2.26 0.09 14.16
CA GLU A 20 3.60 -0.42 14.41
C GLU A 20 4.67 0.67 14.31
N GLN A 21 4.41 1.72 13.56
CA GLN A 21 5.38 2.80 13.34
C GLN A 21 4.75 4.15 13.70
N GLN A 22 5.56 5.17 13.84
CA GLN A 22 5.09 6.52 14.07
C GLN A 22 6.12 7.51 13.58
N GLY A 23 5.71 8.76 13.47
CA GLY A 23 6.60 9.84 13.05
C GLY A 23 7.25 9.59 11.70
N GLN A 24 8.57 9.68 11.68
CA GLN A 24 9.36 9.49 10.46
C GLN A 24 9.31 8.07 10.00
N ARG A 25 9.13 7.16 10.91
CA ARG A 25 9.04 5.78 10.56
C ARG A 25 7.74 5.48 9.90
N LEU A 26 6.71 6.21 10.30
CA LEU A 26 5.40 6.08 9.70
C LEU A 26 5.42 6.62 8.28
N GLN A 27 6.08 7.78 8.10
CA GLN A 27 6.18 8.45 6.80
C GLN A 27 6.75 7.49 5.76
N GLU A 28 7.91 6.91 6.08
CA GLU A 28 8.56 5.95 5.21
C GLU A 28 7.69 4.71 5.01
N CYS A 29 7.16 4.18 6.12
CA CYS A 29 6.39 2.93 6.11
C CYS A 29 5.17 3.03 5.18
N GLN A 30 4.30 4.01 5.42
CA GLN A 30 3.07 4.12 4.63
C GLN A 30 3.37 4.45 3.18
N GLN A 31 4.43 5.21 2.95
CA GLN A 31 4.82 5.59 1.62
C GLN A 31 5.27 4.38 0.83
N ARG A 32 5.94 3.45 1.51
CA ARG A 32 6.37 2.18 0.89
C ARG A 32 5.15 1.37 0.48
N CYS A 33 4.10 1.45 1.28
CA CYS A 33 2.84 0.78 0.98
C CYS A 33 2.24 1.39 -0.28
N GLN A 34 2.31 2.72 -0.37
CA GLN A 34 1.80 3.46 -1.50
C GLN A 34 2.59 3.10 -2.75
N GLN A 35 3.89 2.88 -2.60
CA GLN A 35 4.75 2.44 -3.70
C GLN A 35 4.24 1.12 -4.30
N GLU A 36 4.00 0.13 -3.43
CA GLU A 36 3.48 -1.18 -3.87
C GLU A 36 2.15 -1.03 -4.60
N TYR A 37 1.29 -0.20 -4.05
CA TYR A 37 -0.01 0.06 -4.63
C TYR A 37 0.12 0.67 -6.03
N GLN A 38 1.02 1.63 -6.17
CA GLN A 38 1.25 2.28 -7.47
C GLN A 38 1.76 1.28 -8.49
N ARG A 39 2.64 0.39 -8.04
CA ARG A 39 3.22 -0.64 -8.90
C ARG A 39 2.14 -1.58 -9.41
N GLU A 40 1.14 -1.86 -8.57
CA GLU A 40 0.05 -2.73 -8.96
C GLU A 40 -1.03 -2.02 -9.76
N LYS A 41 -1.09 -0.69 -9.65
CA LYS A 41 -1.97 0.09 -10.51
C LYS A 41 -1.43 0.05 -11.92
N GLY A 42 -0.13 -0.09 -12.00
CA GLY A 42 0.53 -0.22 -13.24
C GLY A 42 0.62 -1.66 -13.62
N GLN A 43 1.23 -1.93 -14.71
CA GLN A 43 1.34 -3.28 -15.17
C GLN A 43 2.75 -3.79 -14.98
N HIS A 44 2.88 -4.84 -14.20
CA HIS A 44 4.16 -5.51 -14.03
C HIS A 44 4.48 -6.25 -15.31
N GLN A 45 3.42 -6.70 -15.94
CA GLN A 45 3.43 -7.26 -17.23
C GLN A 45 2.28 -6.65 -17.96
N GLY A 46 2.47 -6.26 -19.17
CA GLY A 46 1.40 -5.68 -19.91
C GLY A 46 1.90 -4.86 -21.04
N GLU A 47 1.00 -4.43 -21.88
CA GLU A 47 1.31 -3.65 -23.05
C GLU A 47 0.35 -2.48 -23.14
N THR A 48 0.82 -1.32 -22.82
CA THR A 48 0.01 -0.12 -22.85
C THR A 48 0.35 0.69 -24.11
N ASN A 49 1.23 0.15 -24.91
CA ASN A 49 1.67 0.79 -26.13
C ASN A 49 1.80 -0.26 -27.22
N ARG A 1 -14.50 -8.07 -6.40
CA ARG A 1 -15.51 -7.05 -6.65
C ARG A 1 -15.19 -5.83 -5.83
N GLY A 2 -15.94 -4.76 -6.01
CA GLY A 2 -15.66 -3.56 -5.29
C GLY A 2 -14.45 -2.86 -5.85
N PRO A 3 -13.61 -2.30 -5.01
CA PRO A 3 -12.40 -1.65 -5.45
C PRO A 3 -11.32 -2.70 -5.73
N ASP A 4 -10.13 -2.24 -6.02
CA ASP A 4 -9.01 -3.14 -6.26
C ASP A 4 -8.67 -3.88 -4.99
N LYS A 5 -8.28 -5.13 -5.14
CA LYS A 5 -7.82 -5.94 -4.00
C LYS A 5 -6.60 -5.23 -3.45
N SER A 6 -5.79 -4.74 -4.40
CA SER A 6 -4.58 -4.01 -4.16
C SER A 6 -4.85 -2.77 -3.31
N TYR A 7 -5.99 -2.13 -3.54
CA TYR A 7 -6.32 -0.91 -2.86
C TYR A 7 -6.67 -1.21 -1.44
N LYS A 8 -7.43 -2.27 -1.22
CA LYS A 8 -7.81 -2.63 0.13
C LYS A 8 -6.58 -3.02 0.94
N ARG A 9 -5.68 -3.74 0.28
CA ARG A 9 -4.41 -4.16 0.88
C ARG A 9 -3.56 -2.93 1.22
N LEU A 10 -3.75 -1.86 0.48
CA LEU A 10 -3.08 -0.62 0.75
C LEU A 10 -3.49 -0.09 2.13
N GLN A 11 -4.80 -0.05 2.41
CA GLN A 11 -5.24 0.37 3.76
C GLN A 11 -4.72 -0.58 4.83
N GLU A 12 -4.71 -1.87 4.51
CA GLU A 12 -4.20 -2.89 5.43
C GLU A 12 -2.76 -2.55 5.82
N CYS A 13 -1.94 -2.30 4.81
CA CYS A 13 -0.54 -1.98 4.98
C CYS A 13 -0.36 -0.69 5.79
N GLN A 14 -1.12 0.34 5.42
CA GLN A 14 -1.03 1.63 6.05
C GLN A 14 -1.44 1.59 7.52
N ARG A 15 -2.55 0.92 7.83
CA ARG A 15 -3.00 0.79 9.21
C ARG A 15 -1.98 0.06 10.07
N ARG A 16 -1.24 -0.85 9.45
CA ARG A 16 -0.18 -1.54 10.16
C ARG A 16 0.94 -0.57 10.46
N CYS A 17 1.29 0.21 9.48
CA CYS A 17 2.30 1.23 9.64
C CYS A 17 1.93 2.23 10.72
N GLN A 18 0.66 2.57 10.81
CA GLN A 18 0.19 3.51 11.80
C GLN A 18 0.30 2.95 13.22
N SER A 19 0.13 1.65 13.36
CA SER A 19 0.23 1.04 14.67
C SER A 19 1.68 0.67 15.01
N GLU A 20 2.38 0.05 14.08
CA GLU A 20 3.72 -0.43 14.31
C GLU A 20 4.78 0.66 14.20
N GLN A 21 4.49 1.69 13.44
CA GLN A 21 5.45 2.75 13.24
C GLN A 21 4.82 4.07 13.71
N GLN A 22 5.63 5.10 13.82
CA GLN A 22 5.17 6.42 14.17
C GLN A 22 6.11 7.46 13.62
N GLY A 23 5.61 8.68 13.53
CA GLY A 23 6.39 9.82 13.09
C GLY A 23 7.01 9.63 11.72
N GLN A 24 8.30 9.78 11.66
CA GLN A 24 9.07 9.69 10.43
C GLN A 24 9.09 8.26 9.95
N ARG A 25 9.12 7.32 10.89
CA ARG A 25 9.13 5.91 10.56
C ARG A 25 7.82 5.53 9.90
N LEU A 26 6.76 6.21 10.32
CA LEU A 26 5.45 6.03 9.71
C LEU A 26 5.46 6.58 8.32
N GLN A 27 6.02 7.77 8.15
CA GLN A 27 6.10 8.46 6.85
C GLN A 27 6.76 7.56 5.81
N GLU A 28 7.85 6.92 6.19
CA GLU A 28 8.55 6.00 5.32
C GLU A 28 7.71 4.74 5.07
N CYS A 29 7.16 4.19 6.15
CA CYS A 29 6.39 2.96 6.07
C CYS A 29 5.18 3.12 5.15
N GLN A 30 4.40 4.18 5.36
CA GLN A 30 3.21 4.44 4.53
C GLN A 30 3.60 4.68 3.08
N GLN A 31 4.74 5.37 2.88
CA GLN A 31 5.28 5.64 1.54
C GLN A 31 5.50 4.33 0.81
N ARG A 32 6.13 3.39 1.50
CA ARG A 32 6.44 2.08 0.94
C ARG A 32 5.16 1.34 0.59
N CYS A 33 4.15 1.43 1.45
CA CYS A 33 2.86 0.80 1.18
C CYS A 33 2.21 1.42 -0.06
N GLN A 34 2.37 2.74 -0.20
CA GLN A 34 1.85 3.45 -1.35
C GLN A 34 2.56 3.03 -2.63
N GLN A 35 3.82 2.69 -2.51
CA GLN A 35 4.58 2.20 -3.66
C GLN A 35 4.12 0.78 -3.98
N GLU A 36 3.90 -0.02 -2.93
CA GLU A 36 3.38 -1.39 -3.04
C GLU A 36 2.09 -1.41 -3.84
N TYR A 37 1.22 -0.46 -3.55
CA TYR A 37 -0.02 -0.28 -4.27
C TYR A 37 0.22 -0.10 -5.77
N GLN A 38 1.17 0.76 -6.11
CA GLN A 38 1.50 1.04 -7.51
C GLN A 38 2.10 -0.19 -8.18
N ARG A 39 2.78 -1.00 -7.41
CA ARG A 39 3.36 -2.23 -7.91
C ARG A 39 2.28 -3.25 -8.21
N GLU A 40 1.20 -3.21 -7.43
CA GLU A 40 0.04 -4.07 -7.65
C GLU A 40 -0.77 -3.57 -8.84
N LYS A 41 -0.77 -2.26 -9.03
CA LYS A 41 -1.44 -1.62 -10.14
C LYS A 41 -0.68 -1.85 -11.43
N GLY A 42 0.54 -2.26 -11.31
CA GLY A 42 1.34 -2.60 -12.45
C GLY A 42 1.48 -4.09 -12.54
N GLN A 43 2.39 -4.54 -13.34
CA GLN A 43 2.65 -5.97 -13.50
C GLN A 43 4.14 -6.17 -13.42
N HIS A 44 4.60 -7.41 -13.43
CA HIS A 44 6.04 -7.65 -13.52
C HIS A 44 6.43 -7.26 -14.93
N GLN A 45 5.51 -7.54 -15.84
CA GLN A 45 5.58 -7.11 -17.21
C GLN A 45 5.50 -5.58 -17.20
N GLY A 46 6.56 -4.98 -17.58
CA GLY A 46 6.68 -3.55 -17.54
C GLY A 46 7.95 -3.18 -16.85
N GLU A 47 8.30 -3.99 -15.87
CA GLU A 47 9.54 -3.79 -15.12
C GLU A 47 10.64 -4.58 -15.76
N THR A 48 10.24 -5.52 -16.54
CA THR A 48 11.12 -6.39 -17.26
C THR A 48 11.71 -5.65 -18.46
N ASN A 49 10.87 -5.32 -19.41
CA ASN A 49 11.31 -4.68 -20.60
C ASN A 49 10.44 -3.48 -20.90
N ARG A 1 -21.08 -3.86 -1.22
CA ARG A 1 -20.17 -2.84 -1.72
C ARG A 1 -18.92 -2.80 -0.88
N GLY A 2 -17.90 -2.18 -1.42
CA GLY A 2 -16.66 -2.08 -0.73
C GLY A 2 -15.61 -1.55 -1.66
N PRO A 3 -14.38 -1.43 -1.19
CA PRO A 3 -13.28 -0.92 -1.98
C PRO A 3 -12.63 -2.00 -2.84
N ASP A 4 -11.58 -1.61 -3.51
CA ASP A 4 -10.76 -2.55 -4.25
C ASP A 4 -10.01 -3.36 -3.25
N LYS A 5 -9.74 -4.59 -3.56
CA LYS A 5 -9.02 -5.43 -2.64
C LYS A 5 -7.57 -4.98 -2.55
N SER A 6 -7.09 -4.40 -3.65
CA SER A 6 -5.77 -3.82 -3.70
C SER A 6 -5.73 -2.57 -2.79
N TYR A 7 -6.84 -1.84 -2.76
CA TYR A 7 -6.95 -0.65 -1.94
C TYR A 7 -7.05 -1.06 -0.49
N LYS A 8 -7.71 -2.18 -0.25
CA LYS A 8 -7.80 -2.70 1.09
C LYS A 8 -6.41 -3.12 1.54
N ARG A 9 -5.65 -3.75 0.64
CA ARG A 9 -4.23 -4.12 0.88
C ARG A 9 -3.42 -2.89 1.30
N LEU A 10 -3.60 -1.81 0.57
CA LEU A 10 -2.98 -0.53 0.88
C LEU A 10 -3.39 -0.05 2.26
N GLN A 11 -4.66 -0.14 2.54
CA GLN A 11 -5.19 0.23 3.81
C GLN A 11 -4.65 -0.67 4.93
N GLU A 12 -4.54 -1.98 4.67
CA GLU A 12 -3.93 -2.93 5.60
C GLU A 12 -2.53 -2.46 5.94
N CYS A 13 -1.77 -2.14 4.91
CA CYS A 13 -0.40 -1.67 5.04
C CYS A 13 -0.36 -0.41 5.88
N GLN A 14 -1.20 0.55 5.55
CA GLN A 14 -1.27 1.82 6.25
C GLN A 14 -1.73 1.65 7.70
N ARG A 15 -2.67 0.73 7.94
CA ARG A 15 -3.11 0.41 9.30
C ARG A 15 -1.96 -0.12 10.10
N ARG A 16 -1.18 -0.98 9.48
CA ARG A 16 0.00 -1.54 10.12
C ARG A 16 0.98 -0.47 10.44
N CYS A 17 1.26 0.35 9.47
CA CYS A 17 2.18 1.45 9.64
C CYS A 17 1.76 2.39 10.76
N GLN A 18 0.48 2.63 10.91
CA GLN A 18 0.01 3.53 11.95
C GLN A 18 0.00 2.88 13.32
N SER A 19 0.16 1.59 13.36
CA SER A 19 0.21 0.87 14.60
C SER A 19 1.67 0.60 15.01
N GLU A 20 2.41 0.02 14.10
CA GLU A 20 3.78 -0.43 14.34
C GLU A 20 4.82 0.67 14.11
N GLN A 21 4.45 1.76 13.46
CA GLN A 21 5.41 2.80 13.15
C GLN A 21 4.90 4.13 13.71
N GLN A 22 5.80 5.05 13.97
CA GLN A 22 5.45 6.37 14.44
C GLN A 22 6.26 7.41 13.74
N GLY A 23 5.76 8.62 13.77
CA GLY A 23 6.42 9.79 13.24
C GLY A 23 6.99 9.65 11.84
N GLN A 24 8.30 9.75 11.75
CA GLN A 24 9.01 9.70 10.49
C GLN A 24 9.08 8.27 9.97
N ARG A 25 9.12 7.31 10.89
CA ARG A 25 9.12 5.90 10.53
C ARG A 25 7.81 5.58 9.83
N LEU A 26 6.75 6.19 10.34
CA LEU A 26 5.42 6.06 9.75
C LEU A 26 5.40 6.63 8.34
N GLN A 27 6.04 7.76 8.15
CA GLN A 27 6.09 8.40 6.84
C GLN A 27 6.79 7.49 5.83
N GLU A 28 7.90 6.87 6.24
CA GLU A 28 8.59 5.90 5.39
C GLU A 28 7.73 4.69 5.12
N CYS A 29 7.12 4.17 6.17
CA CYS A 29 6.30 2.98 6.11
C CYS A 29 5.12 3.15 5.16
N GLN A 30 4.31 4.20 5.37
CA GLN A 30 3.13 4.40 4.52
C GLN A 30 3.53 4.75 3.08
N GLN A 31 4.69 5.38 2.91
CA GLN A 31 5.21 5.69 1.60
C GLN A 31 5.46 4.38 0.85
N ARG A 32 6.05 3.40 1.55
CA ARG A 32 6.29 2.07 1.00
C ARG A 32 4.99 1.45 0.53
N CYS A 33 3.94 1.65 1.32
CA CYS A 33 2.62 1.14 1.02
C CYS A 33 2.12 1.65 -0.33
N GLN A 34 2.49 2.88 -0.67
CA GLN A 34 2.11 3.45 -1.96
C GLN A 34 2.75 2.68 -3.13
N GLN A 35 4.08 2.52 -3.09
CA GLN A 35 4.79 1.73 -4.09
C GLN A 35 4.26 0.30 -4.13
N GLU A 36 4.01 -0.26 -2.96
CA GLU A 36 3.47 -1.59 -2.85
C GLU A 36 2.09 -1.73 -3.45
N TYR A 37 1.27 -0.75 -3.23
CA TYR A 37 -0.09 -0.66 -3.81
C TYR A 37 -0.04 -0.74 -5.34
N GLN A 38 1.01 -0.23 -5.91
CA GLN A 38 1.22 -0.27 -7.34
C GLN A 38 1.69 -1.67 -7.80
N ARG A 39 2.39 -2.41 -6.94
CA ARG A 39 2.85 -3.75 -7.31
C ARG A 39 1.77 -4.79 -6.98
N GLU A 40 0.81 -4.35 -6.20
CA GLU A 40 -0.35 -5.13 -5.81
C GLU A 40 -1.58 -4.46 -6.41
N LYS A 41 -1.40 -3.87 -7.59
CA LYS A 41 -2.46 -3.10 -8.26
C LYS A 41 -3.64 -3.97 -8.66
N GLY A 42 -3.36 -5.20 -9.00
CA GLY A 42 -4.39 -6.13 -9.35
C GLY A 42 -4.67 -7.03 -8.19
N GLN A 43 -5.24 -8.18 -8.45
CA GLN A 43 -5.50 -9.12 -7.39
C GLN A 43 -4.23 -9.93 -7.10
N HIS A 44 -3.34 -9.31 -6.36
CA HIS A 44 -2.02 -9.85 -6.03
C HIS A 44 -2.12 -11.19 -5.30
N GLN A 45 -3.10 -11.33 -4.43
CA GLN A 45 -3.31 -12.57 -3.69
C GLN A 45 -4.50 -13.29 -4.29
N GLY A 46 -4.91 -12.84 -5.44
CA GLY A 46 -6.16 -13.24 -5.98
C GLY A 46 -7.20 -12.48 -5.23
N GLU A 47 -8.37 -12.99 -5.08
CA GLU A 47 -9.31 -12.33 -4.25
C GLU A 47 -9.19 -12.84 -2.85
N THR A 48 -8.55 -12.04 -2.01
CA THR A 48 -8.32 -12.34 -0.61
C THR A 48 -9.64 -12.65 0.11
N ASN A 49 -10.67 -11.94 -0.26
CA ASN A 49 -11.96 -12.07 0.37
C ASN A 49 -12.97 -12.46 -0.69
N ARG A 1 -19.70 -0.97 -5.48
CA ARG A 1 -18.36 -1.34 -5.94
C ARG A 1 -17.54 -1.85 -4.80
N GLY A 2 -17.04 -3.06 -4.93
CA GLY A 2 -16.13 -3.58 -3.95
C GLY A 2 -14.76 -3.05 -4.24
N PRO A 3 -14.01 -2.60 -3.22
CA PRO A 3 -12.68 -2.02 -3.41
C PRO A 3 -11.74 -3.04 -4.04
N ASP A 4 -10.75 -2.56 -4.73
CA ASP A 4 -9.81 -3.45 -5.39
C ASP A 4 -8.93 -4.07 -4.36
N LYS A 5 -8.41 -5.21 -4.67
CA LYS A 5 -7.60 -5.98 -3.75
C LYS A 5 -6.31 -5.23 -3.45
N SER A 6 -5.82 -4.53 -4.44
CA SER A 6 -4.62 -3.74 -4.33
C SER A 6 -4.83 -2.63 -3.30
N TYR A 7 -6.00 -2.00 -3.38
CA TYR A 7 -6.31 -0.89 -2.52
C TYR A 7 -6.57 -1.38 -1.12
N LYS A 8 -7.11 -2.58 -1.01
CA LYS A 8 -7.32 -3.21 0.29
C LYS A 8 -5.98 -3.52 0.94
N ARG A 9 -5.06 -4.07 0.13
CA ARG A 9 -3.70 -4.39 0.59
C ARG A 9 -3.03 -3.13 1.10
N LEU A 10 -3.21 -2.06 0.37
CA LEU A 10 -2.72 -0.75 0.75
C LEU A 10 -3.26 -0.33 2.11
N GLN A 11 -4.57 -0.45 2.30
CA GLN A 11 -5.23 -0.10 3.56
C GLN A 11 -4.58 -0.85 4.69
N GLU A 12 -4.51 -2.16 4.57
CA GLU A 12 -3.91 -3.03 5.57
C GLU A 12 -2.49 -2.57 5.87
N CYS A 13 -1.71 -2.36 4.82
CA CYS A 13 -0.32 -1.96 4.94
C CYS A 13 -0.18 -0.65 5.73
N GLN A 14 -0.87 0.40 5.29
CA GLN A 14 -0.77 1.70 5.96
C GLN A 14 -1.32 1.64 7.39
N ARG A 15 -2.40 0.90 7.60
CA ARG A 15 -3.00 0.76 8.92
C ARG A 15 -2.05 0.06 9.88
N ARG A 16 -1.33 -0.94 9.39
CA ARG A 16 -0.35 -1.65 10.20
C ARG A 16 0.79 -0.73 10.56
N CYS A 17 1.20 0.06 9.58
CA CYS A 17 2.23 1.06 9.78
C CYS A 17 1.82 2.05 10.86
N GLN A 18 0.55 2.42 10.88
CA GLN A 18 0.03 3.36 11.86
C GLN A 18 0.05 2.78 13.27
N SER A 19 0.08 1.48 13.37
CA SER A 19 0.11 0.85 14.63
C SER A 19 1.56 0.71 15.13
N GLU A 20 2.40 0.12 14.32
CA GLU A 20 3.77 -0.17 14.72
C GLU A 20 4.73 1.02 14.57
N GLN A 21 4.42 1.94 13.69
CA GLN A 21 5.35 3.02 13.42
C GLN A 21 4.68 4.39 13.63
N GLN A 22 5.51 5.38 13.86
CA GLN A 22 5.07 6.76 13.99
C GLN A 22 6.15 7.69 13.50
N GLY A 23 5.79 8.93 13.28
CA GLY A 23 6.73 9.94 12.81
C GLY A 23 7.38 9.57 11.49
N GLN A 24 8.70 9.73 11.41
CA GLN A 24 9.49 9.42 10.23
C GLN A 24 9.36 7.93 9.88
N ARG A 25 9.24 7.08 10.90
CA ARG A 25 9.04 5.66 10.72
C ARG A 25 7.71 5.41 10.01
N LEU A 26 6.70 6.17 10.38
CA LEU A 26 5.40 6.05 9.77
C LEU A 26 5.43 6.54 8.35
N GLN A 27 6.06 7.70 8.15
CA GLN A 27 6.20 8.32 6.82
C GLN A 27 6.73 7.31 5.83
N GLU A 28 7.87 6.74 6.15
CA GLU A 28 8.50 5.75 5.33
C GLU A 28 7.65 4.52 5.13
N CYS A 29 7.07 4.04 6.21
CA CYS A 29 6.29 2.82 6.16
C CYS A 29 5.05 2.98 5.27
N GLN A 30 4.24 4.01 5.51
CA GLN A 30 3.04 4.18 4.73
C GLN A 30 3.33 4.59 3.29
N GLN A 31 4.41 5.36 3.09
CA GLN A 31 4.78 5.80 1.75
C GLN A 31 5.23 4.61 0.92
N ARG A 32 5.92 3.66 1.56
CA ARG A 32 6.37 2.50 0.83
C ARG A 32 5.20 1.62 0.48
N CYS A 33 4.17 1.66 1.32
CA CYS A 33 2.90 0.96 1.05
C CYS A 33 2.27 1.53 -0.21
N GLN A 34 2.35 2.86 -0.36
CA GLN A 34 1.82 3.54 -1.54
C GLN A 34 2.53 3.03 -2.79
N GLN A 35 3.84 2.91 -2.69
CA GLN A 35 4.64 2.38 -3.78
C GLN A 35 4.28 0.94 -4.07
N GLU A 36 4.17 0.12 -3.03
CA GLU A 36 3.79 -1.30 -3.16
C GLU A 36 2.46 -1.44 -3.87
N TYR A 37 1.54 -0.58 -3.50
CA TYR A 37 0.23 -0.47 -4.11
C TYR A 37 0.36 -0.26 -5.62
N GLN A 38 1.14 0.73 -6.00
CA GLN A 38 1.32 1.05 -7.42
C GLN A 38 2.07 -0.06 -8.15
N ARG A 39 2.93 -0.76 -7.45
CA ARG A 39 3.71 -1.84 -8.02
C ARG A 39 2.87 -3.07 -8.29
N GLU A 40 2.14 -3.51 -7.30
CA GLU A 40 1.42 -4.76 -7.42
C GLU A 40 -0.08 -4.57 -7.55
N LYS A 41 -0.49 -3.47 -8.12
CA LYS A 41 -1.91 -3.25 -8.31
C LYS A 41 -2.48 -4.08 -9.47
N GLY A 42 -1.85 -3.99 -10.63
CA GLY A 42 -2.38 -4.62 -11.82
C GLY A 42 -3.61 -3.86 -12.30
N GLN A 43 -4.71 -4.08 -11.62
CA GLN A 43 -5.95 -3.40 -11.88
C GLN A 43 -5.98 -2.15 -11.01
N HIS A 44 -6.85 -1.24 -11.31
CA HIS A 44 -6.95 -0.03 -10.57
C HIS A 44 -8.30 0.56 -10.85
N GLN A 45 -9.09 0.69 -9.83
CA GLN A 45 -10.41 1.26 -9.94
C GLN A 45 -10.30 2.76 -9.82
N GLY A 46 -10.18 3.43 -10.93
CA GLY A 46 -10.07 4.87 -10.88
C GLY A 46 -10.50 5.50 -12.17
N GLU A 47 -9.58 5.62 -13.09
CA GLU A 47 -9.85 6.24 -14.38
C GLU A 47 -10.39 5.21 -15.36
N THR A 48 -10.92 4.16 -14.79
CA THR A 48 -11.56 3.08 -15.48
C THR A 48 -12.92 3.56 -16.02
N ASN A 49 -13.36 4.67 -15.48
CA ASN A 49 -14.59 5.29 -15.88
C ASN A 49 -14.22 6.53 -16.69
N ARG A 1 -15.08 -4.57 -8.92
CA ARG A 1 -16.17 -3.88 -8.23
C ARG A 1 -15.69 -3.43 -6.88
N GLY A 2 -15.74 -2.14 -6.63
CA GLY A 2 -15.29 -1.61 -5.38
C GLY A 2 -13.78 -1.51 -5.37
N PRO A 3 -13.16 -1.51 -4.20
CA PRO A 3 -11.71 -1.48 -4.09
C PRO A 3 -11.13 -2.85 -4.45
N ASP A 4 -10.00 -2.87 -5.10
CA ASP A 4 -9.39 -4.14 -5.47
C ASP A 4 -8.50 -4.62 -4.31
N LYS A 5 -8.00 -5.83 -4.43
CA LYS A 5 -7.22 -6.51 -3.40
C LYS A 5 -5.97 -5.70 -3.03
N SER A 6 -5.32 -5.14 -4.04
CA SER A 6 -4.12 -4.37 -3.83
C SER A 6 -4.42 -3.07 -3.08
N TYR A 7 -5.64 -2.54 -3.25
CA TYR A 7 -6.02 -1.31 -2.58
C TYR A 7 -6.39 -1.63 -1.14
N LYS A 8 -6.96 -2.80 -0.94
CA LYS A 8 -7.27 -3.28 0.38
C LYS A 8 -5.97 -3.49 1.16
N ARG A 9 -5.03 -4.18 0.52
CA ARG A 9 -3.70 -4.41 1.10
C ARG A 9 -3.00 -3.10 1.39
N LEU A 10 -3.16 -2.13 0.51
CA LEU A 10 -2.58 -0.80 0.69
C LEU A 10 -3.10 -0.15 1.97
N GLN A 11 -4.40 -0.16 2.12
CA GLN A 11 -5.04 0.36 3.32
C GLN A 11 -4.55 -0.36 4.55
N GLU A 12 -4.60 -1.68 4.52
CA GLU A 12 -4.20 -2.50 5.65
C GLU A 12 -2.71 -2.33 5.97
N CYS A 13 -1.90 -2.13 4.93
CA CYS A 13 -0.47 -1.93 5.08
C CYS A 13 -0.21 -0.65 5.88
N GLN A 14 -0.85 0.45 5.48
CA GLN A 14 -0.66 1.71 6.18
C GLN A 14 -1.32 1.69 7.57
N ARG A 15 -2.38 0.90 7.72
CA ARG A 15 -3.01 0.67 9.02
C ARG A 15 -2.01 0.01 9.95
N ARG A 16 -1.25 -0.93 9.42
CA ARG A 16 -0.20 -1.58 10.18
C ARG A 16 0.88 -0.61 10.50
N CYS A 17 1.33 0.11 9.50
CA CYS A 17 2.37 1.11 9.67
C CYS A 17 2.06 2.11 10.76
N GLN A 18 0.82 2.53 10.89
CA GLN A 18 0.50 3.56 11.87
C GLN A 18 0.30 2.97 13.25
N SER A 19 0.17 1.68 13.32
CA SER A 19 0.01 1.02 14.58
C SER A 19 1.39 0.57 15.10
N GLU A 20 2.24 0.15 14.18
CA GLU A 20 3.56 -0.36 14.52
C GLU A 20 4.64 0.72 14.49
N GLN A 21 4.44 1.77 13.70
CA GLN A 21 5.43 2.83 13.55
C GLN A 21 4.81 4.19 13.85
N GLN A 22 5.66 5.19 14.03
CA GLN A 22 5.21 6.56 14.23
C GLN A 22 6.20 7.51 13.57
N GLY A 23 5.81 8.77 13.51
CA GLY A 23 6.67 9.82 13.01
C GLY A 23 7.16 9.57 11.60
N GLN A 24 8.46 9.76 11.39
CA GLN A 24 9.06 9.58 10.08
C GLN A 24 9.01 8.10 9.68
N ARG A 25 9.06 7.22 10.68
CA ARG A 25 9.00 5.79 10.44
C ARG A 25 7.67 5.45 9.82
N LEU A 26 6.62 6.08 10.31
CA LEU A 26 5.31 5.90 9.75
C LEU A 26 5.26 6.46 8.36
N GLN A 27 5.83 7.66 8.19
CA GLN A 27 5.87 8.33 6.90
C GLN A 27 6.48 7.42 5.84
N GLU A 28 7.66 6.88 6.10
CA GLU A 28 8.29 6.00 5.16
C GLU A 28 7.53 4.69 5.00
N CYS A 29 7.07 4.12 6.11
CA CYS A 29 6.36 2.84 6.05
C CYS A 29 5.12 2.95 5.17
N GLN A 30 4.29 3.97 5.41
CA GLN A 30 3.08 4.16 4.61
C GLN A 30 3.44 4.48 3.15
N GLN A 31 4.48 5.30 2.97
CA GLN A 31 4.96 5.68 1.64
C GLN A 31 5.35 4.45 0.84
N ARG A 32 6.06 3.56 1.48
CA ARG A 32 6.52 2.33 0.86
C ARG A 32 5.37 1.42 0.49
N CYS A 33 4.33 1.39 1.33
CA CYS A 33 3.12 0.64 1.03
C CYS A 33 2.44 1.26 -0.19
N GLN A 34 2.46 2.60 -0.25
CA GLN A 34 1.87 3.34 -1.37
C GLN A 34 2.62 3.05 -2.65
N GLN A 35 3.95 2.95 -2.54
CA GLN A 35 4.80 2.61 -3.70
C GLN A 35 4.35 1.27 -4.25
N GLU A 36 4.20 0.31 -3.35
CA GLU A 36 3.73 -1.03 -3.67
C GLU A 36 2.37 -0.99 -4.34
N TYR A 37 1.49 -0.16 -3.83
CA TYR A 37 0.19 0.01 -4.47
C TYR A 37 0.31 0.61 -5.87
N GLN A 38 1.20 1.60 -6.04
CA GLN A 38 1.43 2.20 -7.37
C GLN A 38 1.91 1.15 -8.35
N ARG A 39 2.69 0.23 -7.84
CA ARG A 39 3.21 -0.85 -8.62
C ARG A 39 2.09 -1.84 -9.00
N GLU A 40 1.30 -2.24 -8.01
CA GLU A 40 0.24 -3.25 -8.22
C GLU A 40 -1.12 -2.63 -8.61
N LYS A 41 -1.15 -1.34 -8.87
CA LYS A 41 -2.38 -0.73 -9.37
C LYS A 41 -2.41 -0.96 -10.86
N GLY A 42 -1.24 -1.23 -11.38
CA GLY A 42 -1.10 -1.58 -12.75
C GLY A 42 -1.42 -3.03 -12.93
N GLN A 43 -1.43 -3.49 -14.14
CA GLN A 43 -1.84 -4.85 -14.41
C GLN A 43 -0.78 -5.90 -14.06
N HIS A 44 -0.86 -6.39 -12.84
CA HIS A 44 -0.10 -7.55 -12.43
C HIS A 44 -0.91 -8.77 -12.77
N GLN A 45 -2.21 -8.58 -12.77
CA GLN A 45 -3.14 -9.59 -13.21
C GLN A 45 -3.05 -9.63 -14.73
N GLY A 46 -2.60 -10.76 -15.24
CA GLY A 46 -2.39 -10.91 -16.66
C GLY A 46 -3.66 -10.88 -17.45
N GLU A 47 -3.80 -9.87 -18.28
CA GLU A 47 -4.93 -9.70 -19.14
C GLU A 47 -4.53 -10.15 -20.52
N THR A 48 -4.43 -11.43 -20.66
CA THR A 48 -3.98 -12.02 -21.88
C THR A 48 -5.17 -12.32 -22.80
N ASN A 49 -6.29 -12.60 -22.22
CA ASN A 49 -7.48 -12.90 -22.96
C ASN A 49 -8.69 -12.56 -22.13
N ARG A 1 -17.97 1.68 -4.97
CA ARG A 1 -17.24 1.24 -3.80
C ARG A 1 -16.83 -0.21 -3.98
N GLY A 2 -16.23 -0.78 -2.97
CA GLY A 2 -15.76 -2.14 -3.06
C GLY A 2 -14.29 -2.14 -3.33
N PRO A 3 -13.44 -2.24 -2.29
CA PRO A 3 -11.99 -2.18 -2.44
C PRO A 3 -11.46 -3.36 -3.21
N ASP A 4 -10.54 -3.09 -4.08
CA ASP A 4 -9.95 -4.12 -4.90
C ASP A 4 -8.90 -4.89 -4.10
N LYS A 5 -8.33 -5.92 -4.68
CA LYS A 5 -7.45 -6.85 -3.95
C LYS A 5 -6.19 -6.19 -3.41
N SER A 6 -5.42 -5.56 -4.28
CA SER A 6 -4.19 -4.94 -3.86
C SER A 6 -4.49 -3.71 -3.02
N TYR A 7 -5.60 -3.06 -3.31
CA TYR A 7 -6.02 -1.89 -2.58
C TYR A 7 -6.35 -2.25 -1.14
N LYS A 8 -6.97 -3.40 -0.94
CA LYS A 8 -7.29 -3.90 0.38
C LYS A 8 -6.00 -4.12 1.18
N ARG A 9 -5.03 -4.75 0.53
CA ARG A 9 -3.75 -5.05 1.15
C ARG A 9 -2.97 -3.75 1.44
N LEU A 10 -3.18 -2.76 0.59
CA LEU A 10 -2.59 -1.44 0.74
C LEU A 10 -3.11 -0.78 2.03
N GLN A 11 -4.42 -0.85 2.22
CA GLN A 11 -5.06 -0.34 3.44
C GLN A 11 -4.41 -1.01 4.64
N GLU A 12 -4.38 -2.35 4.61
CA GLU A 12 -3.78 -3.16 5.65
C GLU A 12 -2.36 -2.72 5.96
N CYS A 13 -1.56 -2.58 4.92
CA CYS A 13 -0.16 -2.21 5.06
C CYS A 13 -0.02 -0.89 5.82
N GLN A 14 -0.73 0.15 5.37
CA GLN A 14 -0.59 1.46 5.99
C GLN A 14 -1.27 1.52 7.36
N ARG A 15 -2.37 0.79 7.54
CA ARG A 15 -3.05 0.73 8.81
C ARG A 15 -2.19 0.06 9.86
N ARG A 16 -1.31 -0.80 9.40
CA ARG A 16 -0.33 -1.38 10.28
C ARG A 16 0.74 -0.36 10.58
N CYS A 17 1.19 0.34 9.55
CA CYS A 17 2.19 1.41 9.70
C CYS A 17 1.77 2.42 10.75
N GLN A 18 0.49 2.77 10.77
CA GLN A 18 -0.05 3.76 11.69
C GLN A 18 -0.08 3.24 13.13
N SER A 19 0.10 1.96 13.29
CA SER A 19 0.04 1.34 14.59
C SER A 19 1.46 0.90 15.04
N GLU A 20 2.19 0.24 14.15
CA GLU A 20 3.51 -0.28 14.44
C GLU A 20 4.60 0.77 14.29
N GLN A 21 4.36 1.79 13.50
CA GLN A 21 5.37 2.81 13.26
C GLN A 21 4.84 4.17 13.68
N GLN A 22 5.73 5.11 13.90
CA GLN A 22 5.37 6.46 14.24
C GLN A 22 6.40 7.42 13.70
N GLY A 23 6.04 8.68 13.66
CA GLY A 23 6.92 9.72 13.19
C GLY A 23 7.39 9.50 11.77
N GLN A 24 8.70 9.56 11.57
CA GLN A 24 9.28 9.41 10.25
C GLN A 24 9.17 7.97 9.81
N ARG A 25 9.21 7.06 10.77
CA ARG A 25 9.06 5.64 10.52
C ARG A 25 7.71 5.37 9.87
N LEU A 26 6.70 6.07 10.35
CA LEU A 26 5.38 5.97 9.78
C LEU A 26 5.36 6.54 8.39
N GLN A 27 5.95 7.71 8.22
CA GLN A 27 6.01 8.38 6.92
C GLN A 27 6.66 7.48 5.88
N GLU A 28 7.77 6.88 6.27
CA GLU A 28 8.49 5.94 5.41
C GLU A 28 7.66 4.70 5.12
N CYS A 29 7.04 4.16 6.16
CA CYS A 29 6.25 2.94 6.05
C CYS A 29 5.05 3.13 5.12
N GLN A 30 4.22 4.13 5.42
CA GLN A 30 2.99 4.37 4.64
C GLN A 30 3.32 4.65 3.18
N GLN A 31 4.40 5.40 2.95
CA GLN A 31 4.84 5.74 1.61
C GLN A 31 5.18 4.50 0.83
N ARG A 32 5.97 3.62 1.43
CA ARG A 32 6.38 2.40 0.78
C ARG A 32 5.22 1.48 0.48
N CYS A 33 4.24 1.44 1.37
CA CYS A 33 3.02 0.67 1.11
C CYS A 33 2.31 1.22 -0.12
N GLN A 34 2.24 2.55 -0.22
CA GLN A 34 1.60 3.20 -1.35
C GLN A 34 2.39 2.95 -2.63
N GLN A 35 3.73 3.01 -2.51
CA GLN A 35 4.62 2.75 -3.63
C GLN A 35 4.41 1.35 -4.15
N GLU A 36 4.29 0.40 -3.24
CA GLU A 36 3.99 -0.97 -3.58
C GLU A 36 2.67 -1.04 -4.32
N TYR A 37 1.63 -0.44 -3.75
CA TYR A 37 0.31 -0.38 -4.37
C TYR A 37 0.35 0.19 -5.79
N GLN A 38 1.13 1.23 -6.00
CA GLN A 38 1.26 1.84 -7.34
C GLN A 38 1.78 0.83 -8.35
N ARG A 39 2.62 -0.06 -7.89
CA ARG A 39 3.23 -1.06 -8.73
C ARG A 39 2.28 -2.23 -8.95
N GLU A 40 1.44 -2.51 -7.97
CA GLU A 40 0.55 -3.67 -8.02
C GLU A 40 -0.92 -3.27 -8.14
N LYS A 41 -1.17 -2.08 -8.69
CA LYS A 41 -2.53 -1.50 -8.81
C LYS A 41 -3.47 -2.29 -9.73
N GLY A 42 -2.91 -3.20 -10.46
CA GLY A 42 -3.66 -4.00 -11.38
C GLY A 42 -2.79 -4.33 -12.53
N GLN A 43 -1.97 -3.38 -12.85
CA GLN A 43 -0.93 -3.55 -13.83
C GLN A 43 0.21 -4.19 -13.10
N HIS A 44 1.02 -5.00 -13.80
CA HIS A 44 2.17 -5.73 -13.21
C HIS A 44 1.69 -6.89 -12.32
N GLN A 45 0.89 -6.58 -11.34
CA GLN A 45 0.32 -7.57 -10.46
C GLN A 45 -1.20 -7.55 -10.57
N GLY A 46 -1.70 -8.34 -11.47
CA GLY A 46 -3.12 -8.47 -11.62
C GLY A 46 -3.55 -9.88 -11.40
N GLU A 47 -3.82 -10.60 -12.48
CA GLU A 47 -4.27 -11.99 -12.43
C GLU A 47 -3.17 -12.95 -11.97
N THR A 48 -1.98 -12.42 -11.87
CA THR A 48 -0.83 -13.16 -11.40
C THR A 48 -0.90 -13.30 -9.87
N ASN A 49 -1.72 -12.48 -9.25
CA ASN A 49 -1.86 -12.46 -7.81
C ASN A 49 -3.09 -13.23 -7.42
N ARG A 1 -15.07 -10.83 -1.82
CA ARG A 1 -15.56 -9.51 -2.24
C ARG A 1 -14.67 -8.43 -1.67
N GLY A 2 -14.52 -7.34 -2.41
CA GLY A 2 -13.69 -6.25 -1.98
C GLY A 2 -13.12 -5.50 -3.15
N PRO A 3 -12.21 -4.56 -2.92
CA PRO A 3 -11.58 -3.78 -3.98
C PRO A 3 -10.33 -4.49 -4.53
N ASP A 4 -9.51 -3.72 -5.24
CA ASP A 4 -8.24 -4.19 -5.80
C ASP A 4 -7.39 -4.80 -4.71
N LYS A 5 -6.73 -5.91 -5.01
CA LYS A 5 -5.81 -6.54 -4.08
C LYS A 5 -4.71 -5.56 -3.70
N SER A 6 -4.34 -4.73 -4.66
CA SER A 6 -3.35 -3.69 -4.48
C SER A 6 -3.83 -2.70 -3.41
N TYR A 7 -5.12 -2.41 -3.43
CA TYR A 7 -5.70 -1.44 -2.54
C TYR A 7 -5.92 -2.08 -1.18
N LYS A 8 -6.23 -3.36 -1.19
CA LYS A 8 -6.40 -4.11 0.03
C LYS A 8 -5.07 -4.18 0.77
N ARG A 9 -4.00 -4.43 0.03
CA ARG A 9 -2.64 -4.42 0.55
C ARG A 9 -2.33 -3.05 1.12
N LEU A 10 -2.67 -2.02 0.37
CA LEU A 10 -2.45 -0.65 0.77
C LEU A 10 -3.13 -0.33 2.11
N GLN A 11 -4.39 -0.68 2.22
CA GLN A 11 -5.17 -0.44 3.42
C GLN A 11 -4.54 -1.08 4.64
N GLU A 12 -4.23 -2.36 4.56
CA GLU A 12 -3.65 -3.06 5.70
C GLU A 12 -2.26 -2.55 6.00
N CYS A 13 -1.51 -2.28 4.95
CA CYS A 13 -0.17 -1.75 5.07
C CYS A 13 -0.16 -0.44 5.85
N GLN A 14 -0.99 0.52 5.43
CA GLN A 14 -1.04 1.81 6.10
C GLN A 14 -1.47 1.66 7.54
N ARG A 15 -2.51 0.88 7.78
CA ARG A 15 -3.00 0.62 9.13
C ARG A 15 -1.93 0.04 10.02
N ARG A 16 -1.16 -0.88 9.49
CA ARG A 16 -0.07 -1.47 10.22
C ARG A 16 0.98 -0.46 10.52
N CYS A 17 1.34 0.31 9.53
CA CYS A 17 2.32 1.36 9.69
C CYS A 17 1.88 2.36 10.76
N GLN A 18 0.59 2.65 10.80
CA GLN A 18 0.03 3.59 11.78
C GLN A 18 0.06 3.02 13.20
N SER A 19 0.10 1.73 13.31
CA SER A 19 0.11 1.08 14.59
C SER A 19 1.54 0.73 15.03
N GLU A 20 2.28 0.08 14.15
CA GLU A 20 3.62 -0.37 14.45
C GLU A 20 4.63 0.76 14.38
N GLN A 21 4.34 1.78 13.60
CA GLN A 21 5.29 2.86 13.43
C GLN A 21 4.66 4.18 13.80
N GLN A 22 5.45 5.21 13.80
CA GLN A 22 5.02 6.54 14.13
C GLN A 22 6.02 7.50 13.57
N GLY A 23 5.64 8.76 13.52
CA GLY A 23 6.50 9.84 13.07
C GLY A 23 7.24 9.57 11.76
N GLN A 24 8.55 9.59 11.85
CA GLN A 24 9.43 9.40 10.70
C GLN A 24 9.27 8.01 10.13
N ARG A 25 9.22 7.01 10.99
CA ARG A 25 9.05 5.64 10.56
C ARG A 25 7.73 5.44 9.86
N LEU A 26 6.71 6.17 10.30
CA LEU A 26 5.41 6.05 9.70
C LEU A 26 5.43 6.52 8.27
N GLN A 27 5.87 7.76 8.06
CA GLN A 27 5.91 8.34 6.71
C GLN A 27 6.73 7.48 5.75
N GLU A 28 7.81 6.88 6.26
CA GLU A 28 8.65 5.99 5.47
C GLU A 28 7.85 4.71 5.11
N CYS A 29 7.25 4.11 6.13
CA CYS A 29 6.49 2.86 6.03
C CYS A 29 5.30 3.02 5.09
N GLN A 30 4.44 4.00 5.38
CA GLN A 30 3.22 4.20 4.61
C GLN A 30 3.52 4.62 3.17
N GLN A 31 4.69 5.25 2.95
CA GLN A 31 5.14 5.62 1.61
C GLN A 31 5.35 4.36 0.79
N ARG A 32 5.97 3.37 1.41
CA ARG A 32 6.21 2.09 0.76
C ARG A 32 4.92 1.40 0.41
N CYS A 33 3.92 1.56 1.26
CA CYS A 33 2.60 0.99 1.03
C CYS A 33 2.02 1.54 -0.26
N GLN A 34 2.19 2.84 -0.46
CA GLN A 34 1.72 3.52 -1.67
C GLN A 34 2.46 3.00 -2.87
N GLN A 35 3.76 2.76 -2.69
CA GLN A 35 4.59 2.29 -3.79
C GLN A 35 4.18 0.88 -4.20
N GLU A 36 3.90 0.02 -3.20
CA GLU A 36 3.41 -1.34 -3.45
C GLU A 36 2.16 -1.29 -4.30
N TYR A 37 1.24 -0.45 -3.87
CA TYR A 37 -0.05 -0.24 -4.53
C TYR A 37 0.09 0.01 -6.02
N GLN A 38 0.93 0.96 -6.38
CA GLN A 38 1.13 1.35 -7.77
C GLN A 38 1.71 0.19 -8.58
N ARG A 39 2.61 -0.54 -7.96
CA ARG A 39 3.28 -1.66 -8.60
C ARG A 39 2.35 -2.85 -8.76
N GLU A 40 1.51 -3.07 -7.76
CA GLU A 40 0.57 -4.19 -7.79
C GLU A 40 -0.59 -3.95 -8.73
N LYS A 41 -0.94 -2.68 -8.95
CA LYS A 41 -1.95 -2.35 -9.94
C LYS A 41 -1.53 -2.88 -11.30
N GLY A 42 -0.29 -2.60 -11.67
CA GLY A 42 0.27 -3.10 -12.91
C GLY A 42 -0.28 -2.41 -14.14
N GLN A 43 -1.52 -2.64 -14.43
CA GLN A 43 -2.18 -2.09 -15.59
C GLN A 43 -2.81 -0.76 -15.23
N HIS A 44 -2.91 0.12 -16.19
CA HIS A 44 -3.57 1.39 -15.96
C HIS A 44 -5.05 1.28 -16.35
N GLN A 45 -5.36 0.19 -17.01
CA GLN A 45 -6.70 -0.09 -17.45
C GLN A 45 -7.50 -0.72 -16.31
N GLY A 46 -8.78 -0.47 -16.33
CA GLY A 46 -9.65 -0.96 -15.30
C GLY A 46 -10.22 -2.32 -15.59
N GLU A 47 -9.47 -3.36 -15.23
CA GLU A 47 -9.88 -4.77 -15.33
C GLU A 47 -10.07 -5.29 -16.75
N THR A 48 -9.75 -4.48 -17.71
CA THR A 48 -9.81 -4.85 -19.11
C THR A 48 -8.51 -5.55 -19.52
N ASN A 49 -7.54 -5.40 -18.68
CA ASN A 49 -6.22 -5.93 -18.85
C ASN A 49 -5.79 -6.31 -17.47
N ARG A 1 -17.40 -1.10 -8.26
CA ARG A 1 -16.13 -1.61 -7.74
C ARG A 1 -15.88 -1.05 -6.37
N GLY A 2 -15.77 -1.91 -5.39
CA GLY A 2 -15.44 -1.49 -4.06
C GLY A 2 -13.93 -1.37 -3.93
N PRO A 3 -13.37 -1.38 -2.72
CA PRO A 3 -11.92 -1.33 -2.52
C PRO A 3 -11.25 -2.46 -3.23
N ASP A 4 -10.38 -2.10 -4.12
CA ASP A 4 -9.67 -3.08 -4.94
C ASP A 4 -8.67 -3.84 -4.09
N LYS A 5 -8.19 -4.92 -4.61
CA LYS A 5 -7.25 -5.80 -3.95
C LYS A 5 -6.01 -5.03 -3.53
N SER A 6 -5.41 -4.32 -4.47
CA SER A 6 -4.20 -3.57 -4.23
C SER A 6 -4.47 -2.42 -3.26
N TYR A 7 -5.69 -1.90 -3.31
CA TYR A 7 -6.06 -0.79 -2.50
C TYR A 7 -6.33 -1.23 -1.08
N LYS A 8 -6.92 -2.39 -0.95
CA LYS A 8 -7.18 -2.93 0.36
C LYS A 8 -5.86 -3.25 1.02
N ARG A 9 -4.91 -3.78 0.24
CA ARG A 9 -3.57 -4.04 0.74
C ARG A 9 -2.94 -2.75 1.22
N LEU A 10 -3.11 -1.68 0.44
CA LEU A 10 -2.62 -0.37 0.80
C LEU A 10 -3.21 0.09 2.13
N GLN A 11 -4.53 0.01 2.24
CA GLN A 11 -5.24 0.40 3.45
C GLN A 11 -4.70 -0.35 4.64
N GLU A 12 -4.68 -1.67 4.53
CA GLU A 12 -4.19 -2.54 5.58
C GLU A 12 -2.74 -2.21 5.92
N CYS A 13 -1.92 -2.04 4.90
CA CYS A 13 -0.50 -1.74 5.05
C CYS A 13 -0.27 -0.45 5.83
N GLN A 14 -0.92 0.64 5.40
CA GLN A 14 -0.74 1.92 6.07
C GLN A 14 -1.35 1.92 7.46
N ARG A 15 -2.41 1.16 7.65
CA ARG A 15 -3.01 1.01 8.97
C ARG A 15 -2.08 0.25 9.90
N ARG A 16 -1.41 -0.75 9.36
CA ARG A 16 -0.42 -1.49 10.14
C ARG A 16 0.75 -0.60 10.48
N CYS A 17 1.16 0.22 9.54
CA CYS A 17 2.23 1.17 9.76
C CYS A 17 1.89 2.10 10.92
N GLN A 18 0.64 2.51 11.01
CA GLN A 18 0.19 3.39 12.09
C GLN A 18 0.20 2.71 13.45
N SER A 19 0.26 1.41 13.45
CA SER A 19 0.31 0.67 14.67
C SER A 19 1.77 0.27 15.01
N GLU A 20 2.52 -0.15 14.01
CA GLU A 20 3.89 -0.61 14.25
C GLU A 20 4.92 0.52 14.22
N GLN A 21 4.62 1.60 13.53
CA GLN A 21 5.58 2.68 13.33
C GLN A 21 4.96 3.98 13.82
N GLN A 22 5.75 5.03 13.83
CA GLN A 22 5.30 6.35 14.21
C GLN A 22 6.20 7.42 13.59
N GLY A 23 5.74 8.66 13.66
CA GLY A 23 6.49 9.80 13.18
C GLY A 23 6.96 9.70 11.73
N GLN A 24 8.22 10.00 11.52
CA GLN A 24 8.84 9.95 10.20
C GLN A 24 8.83 8.53 9.66
N ARG A 25 9.08 7.58 10.52
CA ARG A 25 9.18 6.19 10.12
C ARG A 25 7.82 5.67 9.67
N LEU A 26 6.77 6.27 10.22
CA LEU A 26 5.42 5.98 9.79
C LEU A 26 5.20 6.47 8.37
N GLN A 27 5.68 7.66 8.10
CA GLN A 27 5.56 8.27 6.79
C GLN A 27 6.34 7.45 5.77
N GLU A 28 7.53 6.98 6.19
CA GLU A 28 8.36 6.12 5.36
C GLU A 28 7.68 4.76 5.17
N CYS A 29 7.08 4.25 6.22
CA CYS A 29 6.39 2.97 6.18
C CYS A 29 5.21 3.04 5.23
N GLN A 30 4.37 4.05 5.41
CA GLN A 30 3.22 4.24 4.53
C GLN A 30 3.65 4.50 3.10
N GLN A 31 4.80 5.14 2.94
CA GLN A 31 5.37 5.40 1.63
C GLN A 31 5.62 4.09 0.90
N ARG A 32 6.10 3.08 1.65
CA ARG A 32 6.33 1.73 1.11
C ARG A 32 5.03 1.18 0.60
N CYS A 33 3.99 1.32 1.40
CA CYS A 33 2.66 0.84 1.07
C CYS A 33 2.17 1.52 -0.21
N GLN A 34 2.43 2.82 -0.32
CA GLN A 34 2.08 3.58 -1.51
C GLN A 34 2.85 3.03 -2.70
N GLN A 35 4.13 2.70 -2.50
CA GLN A 35 4.96 2.14 -3.55
C GLN A 35 4.39 0.80 -4.02
N GLU A 36 3.91 0.01 -3.06
CA GLU A 36 3.31 -1.28 -3.36
C GLU A 36 2.08 -1.11 -4.19
N TYR A 37 1.25 -0.17 -3.81
CA TYR A 37 0.05 0.18 -4.55
C TYR A 37 0.40 0.62 -5.98
N GLN A 38 1.52 1.33 -6.12
CA GLN A 38 2.01 1.76 -7.43
C GLN A 38 2.58 0.57 -8.20
N ARG A 39 3.10 -0.40 -7.49
CA ARG A 39 3.58 -1.62 -8.12
C ARG A 39 2.40 -2.43 -8.64
N GLU A 40 1.35 -2.44 -7.85
CA GLU A 40 0.17 -3.22 -8.14
C GLU A 40 -0.82 -2.49 -9.05
N LYS A 41 -0.49 -1.30 -9.50
CA LYS A 41 -1.36 -0.63 -10.47
C LYS A 41 -1.01 -1.09 -11.86
N GLY A 42 0.15 -1.67 -11.98
CA GLY A 42 0.61 -2.22 -13.21
C GLY A 42 0.80 -3.70 -13.08
N GLN A 43 -0.30 -4.42 -13.08
CA GLN A 43 -0.28 -5.85 -12.93
C GLN A 43 0.07 -6.52 -14.22
N HIS A 44 1.33 -6.46 -14.56
CA HIS A 44 1.84 -7.01 -15.80
C HIS A 44 2.35 -8.43 -15.52
N GLN A 45 2.07 -8.92 -14.32
CA GLN A 45 2.49 -10.23 -13.90
C GLN A 45 1.63 -11.27 -14.61
N GLY A 46 2.22 -12.03 -15.50
CA GLY A 46 1.48 -13.05 -16.19
C GLY A 46 1.11 -12.65 -17.60
N GLU A 47 1.49 -11.44 -17.98
CA GLU A 47 1.18 -10.95 -19.30
C GLU A 47 2.10 -11.55 -20.33
N THR A 48 1.60 -12.51 -21.04
CA THR A 48 2.37 -13.13 -22.08
C THR A 48 1.84 -12.65 -23.44
N ASN A 49 0.72 -11.94 -23.42
CA ASN A 49 0.13 -11.42 -24.64
C ASN A 49 -0.20 -9.95 -24.49
N ARG A 1 -18.64 -2.98 -1.92
CA ARG A 1 -17.73 -4.03 -1.43
C ARG A 1 -16.45 -3.38 -0.98
N GLY A 2 -15.45 -4.20 -0.69
CA GLY A 2 -14.15 -3.70 -0.40
C GLY A 2 -13.39 -3.52 -1.69
N PRO A 3 -12.55 -2.47 -1.79
CA PRO A 3 -11.79 -2.18 -3.02
C PRO A 3 -10.86 -3.31 -3.48
N ASP A 4 -10.26 -3.11 -4.64
CA ASP A 4 -9.35 -4.08 -5.28
C ASP A 4 -8.19 -4.41 -4.37
N LYS A 5 -7.60 -5.56 -4.63
CA LYS A 5 -6.53 -6.17 -3.84
C LYS A 5 -5.43 -5.18 -3.49
N SER A 6 -4.99 -4.43 -4.46
CA SER A 6 -3.89 -3.52 -4.30
C SER A 6 -4.24 -2.37 -3.36
N TYR A 7 -5.45 -1.85 -3.49
CA TYR A 7 -5.88 -0.74 -2.66
C TYR A 7 -6.25 -1.24 -1.29
N LYS A 8 -6.76 -2.46 -1.27
CA LYS A 8 -7.12 -3.15 -0.06
C LYS A 8 -5.87 -3.32 0.80
N ARG A 9 -4.82 -3.85 0.17
CA ARG A 9 -3.52 -4.02 0.82
C ARG A 9 -3.00 -2.70 1.30
N LEU A 10 -3.11 -1.69 0.46
CA LEU A 10 -2.63 -0.35 0.77
C LEU A 10 -3.24 0.17 2.07
N GLN A 11 -4.54 0.04 2.19
CA GLN A 11 -5.25 0.45 3.38
C GLN A 11 -4.74 -0.28 4.61
N GLU A 12 -4.70 -1.61 4.52
CA GLU A 12 -4.25 -2.44 5.63
C GLU A 12 -2.81 -2.14 5.97
N CYS A 13 -1.99 -1.98 4.95
CA CYS A 13 -0.59 -1.70 5.09
C CYS A 13 -0.35 -0.42 5.87
N GLN A 14 -1.02 0.66 5.48
CA GLN A 14 -0.84 1.93 6.14
C GLN A 14 -1.36 1.88 7.57
N ARG A 15 -2.46 1.16 7.76
CA ARG A 15 -3.03 0.96 9.10
C ARG A 15 -2.04 0.19 9.99
N ARG A 16 -1.41 -0.82 9.41
CA ARG A 16 -0.38 -1.58 10.10
C ARG A 16 0.79 -0.70 10.43
N CYS A 17 1.15 0.15 9.51
CA CYS A 17 2.21 1.11 9.70
C CYS A 17 1.89 2.05 10.84
N GLN A 18 0.63 2.41 10.99
CA GLN A 18 0.20 3.26 12.08
C GLN A 18 0.34 2.56 13.42
N SER A 19 0.15 1.28 13.40
CA SER A 19 0.26 0.47 14.57
C SER A 19 1.76 0.23 14.92
N GLU A 20 2.52 -0.21 13.94
CA GLU A 20 3.91 -0.59 14.16
C GLU A 20 4.92 0.57 14.10
N GLN A 21 4.59 1.62 13.40
CA GLN A 21 5.51 2.74 13.23
C GLN A 21 4.86 4.05 13.66
N GLN A 22 5.67 5.08 13.76
CA GLN A 22 5.22 6.41 14.12
C GLN A 22 6.20 7.44 13.61
N GLY A 23 5.78 8.69 13.62
CA GLY A 23 6.63 9.79 13.20
C GLY A 23 7.07 9.69 11.76
N GLN A 24 8.33 10.00 11.55
CA GLN A 24 8.95 9.97 10.24
C GLN A 24 9.00 8.55 9.71
N ARG A 25 9.16 7.60 10.62
CA ARG A 25 9.17 6.19 10.29
C ARG A 25 7.82 5.75 9.74
N LEU A 26 6.77 6.39 10.22
CA LEU A 26 5.42 6.13 9.73
C LEU A 26 5.28 6.66 8.32
N GLN A 27 5.90 7.81 8.08
CA GLN A 27 5.87 8.44 6.78
C GLN A 27 6.53 7.53 5.76
N GLU A 28 7.66 6.95 6.17
CA GLU A 28 8.39 6.00 5.35
C GLU A 28 7.57 4.74 5.12
N CYS A 29 7.03 4.18 6.20
CA CYS A 29 6.28 2.94 6.15
C CYS A 29 5.07 3.07 5.24
N GLN A 30 4.24 4.11 5.45
CA GLN A 30 3.06 4.32 4.61
C GLN A 30 3.45 4.59 3.16
N GLN A 31 4.60 5.25 2.96
CA GLN A 31 5.12 5.49 1.62
C GLN A 31 5.37 4.17 0.93
N ARG A 32 6.00 3.25 1.66
CA ARG A 32 6.33 1.93 1.13
C ARG A 32 5.10 1.15 0.71
N CYS A 33 4.01 1.33 1.44
CA CYS A 33 2.74 0.70 1.08
C CYS A 33 2.25 1.27 -0.24
N GLN A 34 2.42 2.56 -0.40
CA GLN A 34 2.02 3.26 -1.60
C GLN A 34 2.95 2.92 -2.77
N GLN A 35 4.21 2.66 -2.45
CA GLN A 35 5.19 2.21 -3.44
C GLN A 35 4.74 0.87 -3.99
N GLU A 36 4.29 -0.01 -3.08
CA GLU A 36 3.77 -1.31 -3.43
C GLU A 36 2.56 -1.16 -4.31
N TYR A 37 1.67 -0.28 -3.90
CA TYR A 37 0.47 0.04 -4.66
C TYR A 37 0.80 0.50 -6.09
N GLN A 38 1.92 1.20 -6.25
CA GLN A 38 2.40 1.59 -7.56
C GLN A 38 2.85 0.37 -8.34
N ARG A 39 3.53 -0.55 -7.66
CA ARG A 39 4.02 -1.80 -8.26
C ARG A 39 2.84 -2.75 -8.55
N GLU A 40 1.72 -2.48 -7.91
CA GLU A 40 0.47 -3.19 -8.10
C GLU A 40 -0.27 -2.67 -9.33
N LYS A 41 -0.06 -1.42 -9.65
CA LYS A 41 -0.65 -0.83 -10.83
C LYS A 41 0.27 -1.08 -12.00
N GLY A 42 1.51 -0.79 -11.79
CA GLY A 42 2.50 -1.03 -12.77
C GLY A 42 3.14 -2.34 -12.48
N GLN A 43 2.59 -3.39 -13.06
CA GLN A 43 3.10 -4.72 -12.90
C GLN A 43 4.40 -4.88 -13.64
N HIS A 44 5.48 -4.47 -13.02
CA HIS A 44 6.82 -4.68 -13.56
C HIS A 44 7.10 -6.13 -13.36
N GLN A 45 6.93 -6.55 -12.14
CA GLN A 45 7.04 -7.90 -11.78
C GLN A 45 5.69 -8.37 -11.32
N GLY A 46 4.96 -8.95 -12.22
CA GLY A 46 3.65 -9.43 -11.93
C GLY A 46 3.59 -10.92 -12.04
N GLU A 47 2.40 -11.47 -12.03
CA GLU A 47 2.23 -12.91 -12.10
C GLU A 47 2.07 -13.35 -13.53
N THR A 48 1.82 -12.40 -14.35
CA THR A 48 1.63 -12.64 -15.76
C THR A 48 2.67 -11.81 -16.54
N ASN A 49 3.52 -11.14 -15.82
CA ASN A 49 4.50 -10.27 -16.41
C ASN A 49 5.76 -10.36 -15.59
N ARG A 1 -18.76 0.51 -3.14
CA ARG A 1 -17.91 0.66 -1.94
C ARG A 1 -16.89 -0.47 -1.88
N GLY A 2 -16.63 -1.09 -3.00
CA GLY A 2 -15.71 -2.17 -3.04
C GLY A 2 -14.39 -1.71 -3.57
N PRO A 3 -13.36 -1.67 -2.73
CA PRO A 3 -12.05 -1.20 -3.14
C PRO A 3 -11.32 -2.22 -3.98
N ASP A 4 -10.30 -1.78 -4.67
CA ASP A 4 -9.46 -2.68 -5.44
C ASP A 4 -8.73 -3.60 -4.48
N LYS A 5 -8.28 -4.69 -4.99
CA LYS A 5 -7.59 -5.71 -4.19
C LYS A 5 -6.33 -5.13 -3.56
N SER A 6 -5.58 -4.36 -4.32
CA SER A 6 -4.36 -3.80 -3.85
C SER A 6 -4.62 -2.55 -3.04
N TYR A 7 -5.79 -1.96 -3.25
CA TYR A 7 -6.18 -0.79 -2.48
C TYR A 7 -6.56 -1.25 -1.09
N LYS A 8 -7.19 -2.40 -1.02
CA LYS A 8 -7.57 -3.02 0.23
C LYS A 8 -6.29 -3.33 1.02
N ARG A 9 -5.30 -3.85 0.30
CA ARG A 9 -3.98 -4.16 0.84
C ARG A 9 -3.27 -2.90 1.29
N LEU A 10 -3.49 -1.81 0.58
CA LEU A 10 -2.92 -0.54 0.92
C LEU A 10 -3.32 -0.10 2.31
N GLN A 11 -4.63 -0.14 2.61
CA GLN A 11 -5.07 0.17 3.97
C GLN A 11 -4.47 -0.78 4.97
N GLU A 12 -4.45 -2.07 4.63
CA GLU A 12 -3.83 -3.09 5.49
C GLU A 12 -2.43 -2.66 5.87
N CYS A 13 -1.65 -2.37 4.87
CA CYS A 13 -0.27 -1.99 5.01
C CYS A 13 -0.12 -0.69 5.81
N GLN A 14 -0.82 0.38 5.40
CA GLN A 14 -0.67 1.68 6.04
C GLN A 14 -1.25 1.71 7.45
N ARG A 15 -2.36 1.02 7.70
CA ARG A 15 -2.96 1.01 9.03
C ARG A 15 -2.04 0.25 9.99
N ARG A 16 -1.31 -0.74 9.46
CA ARG A 16 -0.30 -1.43 10.26
C ARG A 16 0.77 -0.46 10.63
N CYS A 17 1.22 0.29 9.64
CA CYS A 17 2.24 1.30 9.83
C CYS A 17 1.86 2.30 10.91
N GLN A 18 0.59 2.66 10.95
CA GLN A 18 0.08 3.63 11.92
C GLN A 18 0.09 3.09 13.35
N SER A 19 0.12 1.81 13.48
CA SER A 19 0.16 1.19 14.77
C SER A 19 1.59 0.75 15.12
N GLU A 20 2.30 0.21 14.15
CA GLU A 20 3.63 -0.33 14.38
C GLU A 20 4.72 0.73 14.29
N GLN A 21 4.48 1.80 13.56
CA GLN A 21 5.47 2.84 13.35
C GLN A 21 4.91 4.19 13.76
N GLN A 22 5.78 5.13 14.02
CA GLN A 22 5.39 6.47 14.42
C GLN A 22 6.19 7.48 13.62
N GLY A 23 5.64 8.67 13.48
CA GLY A 23 6.29 9.83 12.83
C GLY A 23 7.02 9.52 11.55
N GLN A 24 8.33 9.71 11.58
CA GLN A 24 9.22 9.53 10.43
C GLN A 24 9.15 8.10 9.92
N ARG A 25 9.18 7.16 10.86
CA ARG A 25 9.09 5.75 10.54
C ARG A 25 7.77 5.44 9.86
N LEU A 26 6.72 6.08 10.35
CA LEU A 26 5.39 5.93 9.79
C LEU A 26 5.31 6.48 8.38
N GLN A 27 5.91 7.65 8.17
CA GLN A 27 5.94 8.28 6.86
C GLN A 27 6.52 7.33 5.83
N GLU A 28 7.70 6.81 6.14
CA GLU A 28 8.40 5.89 5.25
C GLU A 28 7.60 4.62 5.06
N CYS A 29 7.11 4.07 6.15
CA CYS A 29 6.37 2.82 6.14
C CYS A 29 5.16 2.90 5.19
N GLN A 30 4.28 3.88 5.41
CA GLN A 30 3.09 3.98 4.57
C GLN A 30 3.44 4.41 3.15
N GLN A 31 4.54 5.16 2.98
CA GLN A 31 5.01 5.57 1.67
C GLN A 31 5.35 4.35 0.84
N ARG A 32 6.00 3.39 1.47
CA ARG A 32 6.39 2.15 0.82
C ARG A 32 5.15 1.37 0.39
N CYS A 33 4.11 1.41 1.23
CA CYS A 33 2.84 0.78 0.91
C CYS A 33 2.21 1.45 -0.32
N GLN A 34 2.33 2.77 -0.39
CA GLN A 34 1.81 3.54 -1.52
C GLN A 34 2.57 3.19 -2.79
N GLN A 35 3.88 3.04 -2.66
CA GLN A 35 4.75 2.67 -3.79
C GLN A 35 4.32 1.32 -4.35
N GLU A 36 4.02 0.39 -3.45
CA GLU A 36 3.51 -0.91 -3.82
C GLU A 36 2.19 -0.80 -4.54
N TYR A 37 1.33 0.05 -4.03
CA TYR A 37 0.05 0.29 -4.66
C TYR A 37 0.24 0.85 -6.07
N GLN A 38 1.27 1.66 -6.26
CA GLN A 38 1.56 2.22 -7.57
C GLN A 38 1.98 1.11 -8.54
N ARG A 39 2.67 0.11 -8.03
CA ARG A 39 3.08 -1.03 -8.84
C ARG A 39 1.83 -1.80 -9.26
N GLU A 40 1.00 -2.06 -8.27
CA GLU A 40 -0.17 -2.90 -8.42
C GLU A 40 -1.41 -2.17 -8.97
N LYS A 41 -1.31 -0.88 -9.21
CA LYS A 41 -2.43 -0.15 -9.78
C LYS A 41 -2.36 -0.23 -11.30
N GLY A 42 -1.16 -0.32 -11.81
CA GLY A 42 -0.98 -0.38 -13.22
C GLY A 42 -0.73 -1.78 -13.66
N GLN A 43 -1.76 -2.59 -13.60
CA GLN A 43 -1.66 -3.97 -14.00
C GLN A 43 -1.77 -4.04 -15.50
N HIS A 44 -0.65 -4.10 -16.16
CA HIS A 44 -0.63 -4.18 -17.60
C HIS A 44 -0.57 -5.63 -18.03
N GLN A 45 -1.69 -6.28 -17.89
CA GLN A 45 -1.83 -7.64 -18.28
C GLN A 45 -3.26 -7.82 -18.79
N GLY A 46 -3.39 -7.90 -20.08
CA GLY A 46 -4.69 -8.00 -20.70
C GLY A 46 -4.58 -7.63 -22.15
N GLU A 47 -3.53 -8.12 -22.76
CA GLU A 47 -3.21 -7.84 -24.13
C GLU A 47 -4.22 -8.45 -25.06
N THR A 48 -4.73 -7.68 -25.98
CA THR A 48 -5.66 -8.18 -26.94
C THR A 48 -4.91 -8.86 -28.08
N ASN A 49 -4.50 -10.06 -27.83
CA ASN A 49 -3.77 -10.85 -28.77
C ASN A 49 -3.90 -12.27 -28.33
N ARG A 1 -15.56 -6.22 -6.30
CA ARG A 1 -16.57 -5.34 -5.71
C ARG A 1 -15.91 -4.61 -4.56
N GLY A 2 -16.50 -3.52 -4.12
CA GLY A 2 -15.94 -2.78 -3.01
C GLY A 2 -14.72 -1.99 -3.45
N PRO A 3 -13.78 -1.74 -2.54
CA PRO A 3 -12.55 -1.05 -2.87
C PRO A 3 -11.64 -1.93 -3.72
N ASP A 4 -10.77 -1.29 -4.47
CA ASP A 4 -9.82 -1.96 -5.36
C ASP A 4 -8.90 -2.83 -4.56
N LYS A 5 -8.41 -3.89 -5.17
CA LYS A 5 -7.47 -4.79 -4.51
C LYS A 5 -6.22 -4.01 -4.08
N SER A 6 -5.81 -3.09 -4.91
CA SER A 6 -4.67 -2.26 -4.68
C SER A 6 -4.92 -1.35 -3.47
N TYR A 7 -6.12 -0.82 -3.39
CA TYR A 7 -6.47 0.14 -2.38
C TYR A 7 -6.74 -0.55 -1.05
N LYS A 8 -7.35 -1.72 -1.08
CA LYS A 8 -7.63 -2.42 0.15
C LYS A 8 -6.36 -2.94 0.79
N ARG A 9 -5.38 -3.31 -0.04
CA ARG A 9 -4.09 -3.72 0.50
C ARG A 9 -3.37 -2.53 1.09
N LEU A 10 -3.53 -1.37 0.44
CA LEU A 10 -2.98 -0.12 0.92
C LEU A 10 -3.51 0.17 2.33
N GLN A 11 -4.82 0.04 2.48
CA GLN A 11 -5.50 0.24 3.78
C GLN A 11 -4.84 -0.62 4.86
N GLU A 12 -4.66 -1.88 4.56
CA GLU A 12 -4.05 -2.82 5.49
C GLU A 12 -2.62 -2.44 5.82
N CYS A 13 -1.86 -2.13 4.77
CA CYS A 13 -0.47 -1.76 4.91
C CYS A 13 -0.31 -0.53 5.77
N GLN A 14 -1.08 0.51 5.48
CA GLN A 14 -0.98 1.74 6.24
C GLN A 14 -1.48 1.56 7.66
N ARG A 15 -2.53 0.75 7.85
CA ARG A 15 -3.02 0.43 9.20
C ARG A 15 -1.91 -0.17 10.05
N ARG A 16 -1.13 -1.04 9.43
CA ARG A 16 0.01 -1.64 10.09
C ARG A 16 1.04 -0.59 10.41
N CYS A 17 1.36 0.22 9.44
CA CYS A 17 2.31 1.30 9.61
C CYS A 17 1.89 2.26 10.72
N GLN A 18 0.61 2.52 10.83
CA GLN A 18 0.09 3.43 11.83
C GLN A 18 0.10 2.82 13.22
N SER A 19 0.26 1.54 13.29
CA SER A 19 0.28 0.87 14.55
C SER A 19 1.71 0.60 15.01
N GLU A 20 2.50 0.06 14.11
CA GLU A 20 3.85 -0.32 14.41
C GLU A 20 4.82 0.84 14.31
N GLN A 21 4.49 1.85 13.53
CA GLN A 21 5.37 2.95 13.28
C GLN A 21 4.71 4.27 13.62
N GLN A 22 5.49 5.28 13.81
CA GLN A 22 5.00 6.60 14.09
C GLN A 22 5.98 7.62 13.60
N GLY A 23 5.52 8.84 13.45
CA GLY A 23 6.34 9.98 13.04
C GLY A 23 7.08 9.76 11.73
N GLN A 24 8.39 9.77 11.82
CA GLN A 24 9.27 9.61 10.67
C GLN A 24 9.20 8.20 10.15
N ARG A 25 9.10 7.26 11.05
CA ARG A 25 9.05 5.87 10.68
C ARG A 25 7.73 5.55 9.99
N LEU A 26 6.71 6.31 10.35
CA LEU A 26 5.42 6.16 9.75
C LEU A 26 5.44 6.59 8.30
N GLN A 27 6.06 7.74 8.03
CA GLN A 27 6.09 8.27 6.66
C GLN A 27 6.86 7.33 5.73
N GLU A 28 7.92 6.71 6.26
CA GLU A 28 8.72 5.78 5.48
C GLU A 28 7.89 4.54 5.16
N CYS A 29 7.22 4.05 6.19
CA CYS A 29 6.41 2.86 6.10
C CYS A 29 5.24 3.06 5.15
N GLN A 30 4.42 4.09 5.39
CA GLN A 30 3.25 4.29 4.54
C GLN A 30 3.61 4.67 3.11
N GLN A 31 4.79 5.27 2.90
CA GLN A 31 5.27 5.56 1.56
C GLN A 31 5.49 4.26 0.80
N ARG A 32 6.00 3.26 1.51
CA ARG A 32 6.21 1.93 0.95
C ARG A 32 4.87 1.31 0.57
N CYS A 33 3.86 1.59 1.37
CA CYS A 33 2.51 1.12 1.09
C CYS A 33 1.97 1.77 -0.17
N GLN A 34 2.38 3.02 -0.44
CA GLN A 34 1.98 3.73 -1.64
C GLN A 34 2.64 3.09 -2.84
N GLN A 35 3.88 2.66 -2.64
CA GLN A 35 4.62 1.95 -3.65
C GLN A 35 3.89 0.66 -3.99
N GLU A 36 3.57 -0.12 -2.97
CA GLU A 36 2.77 -1.34 -3.10
C GLU A 36 1.43 -1.07 -3.80
N TYR A 37 0.78 0.04 -3.45
CA TYR A 37 -0.48 0.47 -4.07
C TYR A 37 -0.34 0.58 -5.59
N GLN A 38 0.70 1.25 -6.01
CA GLN A 38 0.95 1.44 -7.43
C GLN A 38 1.41 0.13 -8.08
N ARG A 39 2.08 -0.70 -7.32
CA ARG A 39 2.56 -2.00 -7.79
C ARG A 39 1.39 -2.96 -8.01
N GLU A 40 0.37 -2.83 -7.20
CA GLU A 40 -0.81 -3.65 -7.33
C GLU A 40 -1.71 -3.15 -8.47
N LYS A 41 -1.59 -1.88 -8.82
CA LYS A 41 -2.35 -1.34 -9.93
C LYS A 41 -1.68 -1.66 -11.25
N GLY A 42 -0.41 -1.35 -11.32
CA GLY A 42 0.32 -1.55 -12.53
C GLY A 42 1.21 -0.37 -12.82
N GLN A 43 2.26 -0.62 -13.58
CA GLN A 43 3.24 0.39 -13.95
C GLN A 43 2.67 1.32 -15.02
N HIS A 44 2.12 2.45 -14.58
CA HIS A 44 1.47 3.45 -15.43
C HIS A 44 0.58 2.82 -16.49
N GLN A 45 -0.44 2.15 -16.01
CA GLN A 45 -1.39 1.45 -16.84
C GLN A 45 -2.78 1.89 -16.47
N GLY A 46 -3.72 1.62 -17.32
CA GLY A 46 -5.06 2.02 -17.07
C GLY A 46 -6.04 0.97 -17.51
N GLU A 47 -7.27 1.09 -17.03
CA GLU A 47 -8.40 0.19 -17.38
C GLU A 47 -8.20 -1.23 -16.86
N THR A 48 -7.28 -1.37 -15.94
CA THR A 48 -7.03 -2.61 -15.30
C THR A 48 -7.08 -2.37 -13.81
N ASN A 49 -8.27 -2.26 -13.31
CA ASN A 49 -8.49 -1.92 -11.94
C ASN A 49 -9.36 -2.95 -11.31
N ARG A 1 -16.77 -1.86 -10.97
CA ARG A 1 -15.97 -0.82 -10.37
C ARG A 1 -15.75 -1.14 -8.90
N GLY A 2 -14.70 -1.86 -8.63
CA GLY A 2 -14.36 -2.22 -7.30
C GLY A 2 -12.91 -2.00 -7.06
N PRO A 3 -12.50 -1.73 -5.82
CA PRO A 3 -11.11 -1.45 -5.49
C PRO A 3 -10.22 -2.66 -5.74
N ASP A 4 -8.97 -2.40 -6.03
CA ASP A 4 -8.02 -3.46 -6.31
C ASP A 4 -7.71 -4.19 -5.03
N LYS A 5 -7.36 -5.44 -5.13
CA LYS A 5 -7.00 -6.22 -3.95
C LYS A 5 -5.70 -5.72 -3.38
N SER A 6 -4.87 -5.16 -4.24
CA SER A 6 -3.67 -4.51 -3.81
C SER A 6 -3.99 -3.24 -3.03
N TYR A 7 -5.14 -2.62 -3.33
CA TYR A 7 -5.54 -1.40 -2.65
C TYR A 7 -6.08 -1.76 -1.27
N LYS A 8 -6.69 -2.93 -1.18
CA LYS A 8 -7.19 -3.43 0.08
C LYS A 8 -6.01 -3.64 1.02
N ARG A 9 -4.97 -4.28 0.50
CA ARG A 9 -3.75 -4.50 1.24
C ARG A 9 -3.04 -3.21 1.53
N LEU A 10 -3.02 -2.32 0.55
CA LEU A 10 -2.44 -0.97 0.69
C LEU A 10 -3.00 -0.26 1.92
N GLN A 11 -4.31 -0.26 2.03
CA GLN A 11 -4.99 0.29 3.19
C GLN A 11 -4.51 -0.39 4.47
N GLU A 12 -4.58 -1.70 4.49
CA GLU A 12 -4.16 -2.50 5.63
C GLU A 12 -2.68 -2.26 5.99
N CYS A 13 -1.84 -2.16 4.97
CA CYS A 13 -0.41 -1.94 5.11
C CYS A 13 -0.15 -0.64 5.85
N GLN A 14 -0.81 0.43 5.41
CA GLN A 14 -0.62 1.72 6.04
C GLN A 14 -1.26 1.76 7.43
N ARG A 15 -2.36 1.01 7.62
CA ARG A 15 -2.99 0.91 8.94
C ARG A 15 -2.00 0.26 9.92
N ARG A 16 -1.29 -0.77 9.44
CA ARG A 16 -0.25 -1.40 10.22
C ARG A 16 0.85 -0.43 10.55
N CYS A 17 1.25 0.32 9.55
CA CYS A 17 2.28 1.33 9.73
C CYS A 17 1.91 2.32 10.84
N GLN A 18 0.64 2.67 10.94
CA GLN A 18 0.16 3.61 11.96
C GLN A 18 0.30 3.03 13.36
N SER A 19 0.28 1.74 13.46
CA SER A 19 0.36 1.08 14.73
C SER A 19 1.80 0.68 15.05
N GLU A 20 2.46 0.05 14.09
CA GLU A 20 3.79 -0.47 14.29
C GLU A 20 4.85 0.61 14.21
N GLN A 21 4.55 1.68 13.52
CA GLN A 21 5.49 2.75 13.33
C GLN A 21 4.86 4.05 13.77
N GLN A 22 5.66 5.09 13.84
CA GLN A 22 5.21 6.42 14.18
C GLN A 22 6.17 7.40 13.60
N GLY A 23 5.75 8.64 13.54
CA GLY A 23 6.59 9.73 13.05
C GLY A 23 7.13 9.50 11.65
N GLN A 24 8.44 9.63 11.52
CA GLN A 24 9.12 9.46 10.25
C GLN A 24 8.99 8.03 9.79
N ARG A 25 9.15 7.09 10.73
CA ARG A 25 9.01 5.67 10.47
C ARG A 25 7.65 5.37 9.84
N LEU A 26 6.62 6.04 10.34
CA LEU A 26 5.28 5.90 9.80
C LEU A 26 5.20 6.46 8.41
N GLN A 27 5.74 7.66 8.22
CA GLN A 27 5.70 8.31 6.92
C GLN A 27 6.37 7.44 5.87
N GLU A 28 7.56 6.92 6.19
CA GLU A 28 8.31 6.05 5.30
C GLU A 28 7.52 4.78 5.02
N CYS A 29 7.04 4.16 6.10
CA CYS A 29 6.30 2.89 6.02
C CYS A 29 5.10 3.01 5.11
N GLN A 30 4.21 3.96 5.41
CA GLN A 30 2.97 4.10 4.66
C GLN A 30 3.23 4.48 3.20
N GLN A 31 4.23 5.31 2.97
CA GLN A 31 4.57 5.75 1.64
C GLN A 31 5.13 4.58 0.84
N ARG A 32 5.94 3.74 1.50
CA ARG A 32 6.47 2.55 0.86
C ARG A 32 5.37 1.53 0.57
N CYS A 33 4.29 1.55 1.37
CA CYS A 33 3.12 0.71 1.09
C CYS A 33 2.46 1.19 -0.20
N GLN A 34 2.47 2.50 -0.40
CA GLN A 34 1.90 3.11 -1.60
C GLN A 34 2.77 2.77 -2.79
N GLN A 35 4.09 2.75 -2.56
CA GLN A 35 5.04 2.34 -3.58
C GLN A 35 4.73 0.90 -4.00
N GLU A 36 4.46 0.05 -2.98
CA GLU A 36 4.05 -1.34 -3.21
C GLU A 36 2.84 -1.37 -4.10
N TYR A 37 1.80 -0.67 -3.68
CA TYR A 37 0.53 -0.62 -4.40
C TYR A 37 0.70 -0.23 -5.88
N GLN A 38 1.51 0.78 -6.14
CA GLN A 38 1.75 1.22 -7.51
C GLN A 38 2.52 0.17 -8.30
N ARG A 39 3.43 -0.53 -7.63
CA ARG A 39 4.24 -1.55 -8.29
C ARG A 39 3.47 -2.87 -8.43
N GLU A 40 2.45 -3.07 -7.60
CA GLU A 40 1.62 -4.26 -7.68
C GLU A 40 0.70 -4.16 -8.87
N LYS A 41 0.30 -2.95 -9.20
CA LYS A 41 -0.50 -2.72 -10.37
C LYS A 41 0.40 -2.55 -11.57
N GLY A 42 1.53 -1.94 -11.35
CA GLY A 42 2.50 -1.75 -12.38
C GLY A 42 2.50 -0.34 -12.90
N GLN A 43 3.66 0.14 -13.25
CA GLN A 43 3.78 1.44 -13.87
C GLN A 43 4.04 1.25 -15.34
N HIS A 44 2.99 1.33 -16.11
CA HIS A 44 3.07 1.08 -17.53
C HIS A 44 2.59 2.28 -18.33
N GLN A 45 1.88 3.17 -17.69
CA GLN A 45 1.34 4.32 -18.37
C GLN A 45 2.28 5.50 -18.24
N GLY A 46 2.56 6.14 -19.36
CA GLY A 46 3.39 7.31 -19.38
C GLY A 46 2.66 8.54 -18.93
N GLU A 47 2.29 8.56 -17.67
CA GLU A 47 1.59 9.68 -17.08
C GLU A 47 2.51 10.43 -16.12
N THR A 48 3.74 10.03 -16.13
CA THR A 48 4.77 10.63 -15.32
C THR A 48 6.09 10.51 -16.07
N ASN A 49 5.97 10.34 -17.35
CA ASN A 49 7.10 10.17 -18.22
C ASN A 49 6.70 10.55 -19.62
N ARG A 1 -18.76 -1.04 -6.08
CA ARG A 1 -18.49 -0.66 -4.69
C ARG A 1 -17.25 -1.38 -4.20
N GLY A 2 -16.59 -0.80 -3.23
CA GLY A 2 -15.42 -1.39 -2.68
C GLY A 2 -14.18 -0.72 -3.20
N PRO A 3 -13.09 -0.73 -2.45
CA PRO A 3 -11.84 -0.14 -2.90
C PRO A 3 -11.15 -1.04 -3.92
N ASP A 4 -10.21 -0.49 -4.66
CA ASP A 4 -9.45 -1.27 -5.63
C ASP A 4 -8.43 -2.11 -4.90
N LYS A 5 -7.85 -3.03 -5.62
CA LYS A 5 -6.79 -3.95 -5.15
C LYS A 5 -5.74 -3.13 -4.43
N SER A 6 -5.38 -2.05 -5.08
CA SER A 6 -4.37 -1.13 -4.67
C SER A 6 -4.71 -0.46 -3.34
N TYR A 7 -5.93 0.03 -3.19
CA TYR A 7 -6.27 0.73 -1.97
C TYR A 7 -6.52 -0.26 -0.84
N LYS A 8 -6.95 -1.45 -1.23
CA LYS A 8 -7.17 -2.55 -0.31
C LYS A 8 -5.85 -2.96 0.35
N ARG A 9 -4.85 -3.21 -0.49
CA ARG A 9 -3.53 -3.60 -0.01
C ARG A 9 -2.88 -2.43 0.74
N LEU A 10 -3.16 -1.21 0.25
CA LEU A 10 -2.63 -0.01 0.86
C LEU A 10 -3.16 0.19 2.26
N GLN A 11 -4.47 0.11 2.42
CA GLN A 11 -5.09 0.37 3.71
C GLN A 11 -4.59 -0.57 4.77
N GLU A 12 -4.53 -1.86 4.46
CA GLU A 12 -4.02 -2.83 5.43
C GLU A 12 -2.55 -2.54 5.77
N CYS A 13 -1.78 -2.22 4.75
CA CYS A 13 -0.36 -1.95 4.92
C CYS A 13 -0.12 -0.67 5.75
N GLN A 14 -0.78 0.44 5.37
CA GLN A 14 -0.57 1.71 6.07
C GLN A 14 -1.13 1.66 7.48
N ARG A 15 -2.21 0.91 7.69
CA ARG A 15 -2.79 0.81 9.01
C ARG A 15 -1.92 0.05 9.97
N ARG A 16 -1.11 -0.85 9.43
CA ARG A 16 -0.11 -1.48 10.23
C ARG A 16 0.95 -0.48 10.58
N CYS A 17 1.37 0.26 9.57
CA CYS A 17 2.36 1.31 9.75
C CYS A 17 1.94 2.31 10.83
N GLN A 18 0.66 2.67 10.84
CA GLN A 18 0.13 3.65 11.79
C GLN A 18 0.11 3.11 13.21
N SER A 19 0.19 1.81 13.33
CA SER A 19 0.16 1.17 14.61
C SER A 19 1.58 0.79 15.06
N GLU A 20 2.30 0.09 14.20
CA GLU A 20 3.63 -0.41 14.52
C GLU A 20 4.70 0.67 14.42
N GLN A 21 4.45 1.69 13.62
CA GLN A 21 5.41 2.77 13.45
C GLN A 21 4.75 4.07 13.83
N GLN A 22 5.54 5.12 13.83
CA GLN A 22 5.06 6.45 14.12
C GLN A 22 6.08 7.42 13.63
N GLY A 23 5.73 8.68 13.63
CA GLY A 23 6.65 9.73 13.25
C GLY A 23 7.12 9.61 11.81
N GLN A 24 8.42 9.74 11.62
CA GLN A 24 9.04 9.67 10.32
C GLN A 24 8.97 8.25 9.81
N ARG A 25 9.13 7.30 10.73
CA ARG A 25 9.07 5.88 10.41
C ARG A 25 7.73 5.53 9.82
N LEU A 26 6.70 6.19 10.31
CA LEU A 26 5.38 6.01 9.78
C LEU A 26 5.31 6.51 8.36
N GLN A 27 5.86 7.69 8.12
CA GLN A 27 5.85 8.28 6.80
C GLN A 27 6.59 7.40 5.81
N GLU A 28 7.72 6.87 6.24
CA GLU A 28 8.52 5.96 5.45
C GLU A 28 7.72 4.68 5.16
N CYS A 29 7.15 4.11 6.20
CA CYS A 29 6.41 2.86 6.11
C CYS A 29 5.20 2.99 5.17
N GLN A 30 4.34 3.99 5.42
CA GLN A 30 3.15 4.16 4.60
C GLN A 30 3.48 4.47 3.15
N GLN A 31 4.59 5.16 2.91
CA GLN A 31 5.02 5.46 1.55
C GLN A 31 5.38 4.19 0.81
N ARG A 32 5.97 3.22 1.51
CA ARG A 32 6.31 1.94 0.89
C ARG A 32 5.05 1.19 0.52
N CYS A 33 4.01 1.39 1.31
CA CYS A 33 2.71 0.81 1.02
C CYS A 33 2.09 1.53 -0.18
N GLN A 34 2.35 2.82 -0.27
CA GLN A 34 1.89 3.63 -1.38
C GLN A 34 2.63 3.27 -2.65
N GLN A 35 3.87 2.83 -2.53
CA GLN A 35 4.64 2.34 -3.68
C GLN A 35 3.91 1.14 -4.27
N GLU A 36 3.48 0.25 -3.36
CA GLU A 36 2.70 -0.94 -3.72
C GLU A 36 1.41 -0.53 -4.42
N TYR A 37 0.74 0.46 -3.85
CA TYR A 37 -0.47 1.04 -4.40
C TYR A 37 -0.25 1.51 -5.84
N GLN A 38 0.77 2.32 -6.03
CA GLN A 38 1.03 2.92 -7.32
C GLN A 38 1.50 1.90 -8.35
N ARG A 39 2.36 0.99 -7.95
CA ARG A 39 2.94 0.02 -8.88
C ARG A 39 1.91 -0.90 -9.53
N GLU A 40 1.05 -1.52 -8.73
CA GLU A 40 0.13 -2.54 -9.22
C GLU A 40 -1.31 -2.04 -9.28
N LYS A 41 -1.47 -0.75 -9.44
CA LYS A 41 -2.81 -0.19 -9.52
C LYS A 41 -3.55 -0.53 -10.82
N GLY A 42 -2.81 -0.58 -11.90
CA GLY A 42 -3.40 -0.85 -13.19
C GLY A 42 -3.19 -2.27 -13.61
N GLN A 43 -1.96 -2.62 -13.83
CA GLN A 43 -1.60 -3.95 -14.28
C GLN A 43 -1.54 -4.87 -13.08
N HIS A 44 -1.81 -6.14 -13.28
CA HIS A 44 -1.79 -7.09 -12.17
C HIS A 44 -0.35 -7.32 -11.71
N GLN A 45 0.58 -7.24 -12.63
CA GLN A 45 1.99 -7.33 -12.29
C GLN A 45 2.53 -5.96 -11.99
N GLY A 46 1.70 -4.97 -12.24
CA GLY A 46 2.08 -3.61 -12.12
C GLY A 46 3.12 -3.24 -13.12
N GLU A 47 4.00 -2.34 -12.76
CA GLU A 47 5.09 -1.97 -13.59
C GLU A 47 6.26 -2.87 -13.31
N THR A 48 6.13 -4.08 -13.78
CA THR A 48 7.10 -5.10 -13.57
C THR A 48 8.31 -4.91 -14.49
N ASN A 49 9.17 -4.03 -14.09
CA ASN A 49 10.37 -3.77 -14.83
C ASN A 49 11.43 -3.35 -13.85
N ARG A 1 -19.81 -5.60 -6.83
CA ARG A 1 -18.82 -4.96 -5.97
C ARG A 1 -17.52 -5.69 -6.08
N GLY A 2 -16.44 -4.97 -5.96
CA GLY A 2 -15.14 -5.58 -6.03
C GLY A 2 -14.07 -4.52 -5.96
N PRO A 3 -13.36 -4.42 -4.85
CA PRO A 3 -12.28 -3.47 -4.72
C PRO A 3 -11.00 -4.02 -5.35
N ASP A 4 -9.95 -3.28 -5.23
CA ASP A 4 -8.67 -3.71 -5.74
C ASP A 4 -7.98 -4.48 -4.67
N LYS A 5 -7.45 -5.64 -5.02
CA LYS A 5 -6.74 -6.47 -4.05
C LYS A 5 -5.54 -5.73 -3.51
N SER A 6 -4.93 -4.97 -4.37
CA SER A 6 -3.76 -4.21 -4.04
C SER A 6 -4.12 -3.01 -3.17
N TYR A 7 -5.29 -2.43 -3.40
CA TYR A 7 -5.71 -1.28 -2.61
C TYR A 7 -6.16 -1.77 -1.24
N LYS A 8 -6.72 -2.96 -1.21
CA LYS A 8 -7.09 -3.60 0.02
C LYS A 8 -5.84 -3.79 0.88
N ARG A 9 -4.78 -4.30 0.24
CA ARG A 9 -3.51 -4.49 0.91
C ARG A 9 -2.90 -3.18 1.33
N LEU A 10 -3.00 -2.18 0.47
CA LEU A 10 -2.53 -0.84 0.79
C LEU A 10 -3.19 -0.32 2.05
N GLN A 11 -4.50 -0.45 2.14
CA GLN A 11 -5.26 -0.03 3.31
C GLN A 11 -4.75 -0.72 4.56
N GLU A 12 -4.58 -2.02 4.48
CA GLU A 12 -4.08 -2.78 5.60
C GLU A 12 -2.65 -2.37 5.95
N CYS A 13 -1.83 -2.24 4.93
CA CYS A 13 -0.43 -1.89 5.10
C CYS A 13 -0.29 -0.55 5.82
N GLN A 14 -0.97 0.49 5.33
CA GLN A 14 -0.88 1.81 5.94
C GLN A 14 -1.45 1.84 7.36
N ARG A 15 -2.52 1.08 7.64
CA ARG A 15 -3.02 1.04 9.00
C ARG A 15 -2.09 0.28 9.94
N ARG A 16 -1.35 -0.68 9.38
CA ARG A 16 -0.33 -1.40 10.14
C ARG A 16 0.77 -0.46 10.51
N CYS A 17 1.18 0.33 9.55
CA CYS A 17 2.22 1.33 9.74
C CYS A 17 1.87 2.28 10.88
N GLN A 18 0.61 2.63 10.99
CA GLN A 18 0.12 3.53 12.03
C GLN A 18 0.16 2.89 13.42
N SER A 19 0.34 1.59 13.46
CA SER A 19 0.43 0.88 14.70
C SER A 19 1.89 0.47 14.99
N GLU A 20 2.55 -0.08 13.99
CA GLU A 20 3.90 -0.56 14.13
C GLU A 20 4.93 0.56 14.08
N GLN A 21 4.61 1.66 13.43
CA GLN A 21 5.53 2.76 13.31
C GLN A 21 4.86 4.06 13.79
N GLN A 22 5.63 5.14 13.80
CA GLN A 22 5.18 6.49 14.12
C GLN A 22 6.25 7.46 13.65
N GLY A 23 5.95 8.73 13.67
CA GLY A 23 6.92 9.74 13.24
C GLY A 23 7.34 9.57 11.79
N GLN A 24 8.63 9.73 11.53
CA GLN A 24 9.19 9.54 10.20
C GLN A 24 9.01 8.11 9.76
N ARG A 25 9.10 7.20 10.72
CA ARG A 25 8.92 5.78 10.48
C ARG A 25 7.57 5.50 9.84
N LEU A 26 6.54 6.17 10.32
CA LEU A 26 5.21 6.01 9.78
C LEU A 26 5.14 6.54 8.37
N GLN A 27 5.70 7.71 8.18
CA GLN A 27 5.73 8.37 6.89
C GLN A 27 6.41 7.49 5.85
N GLU A 28 7.58 6.96 6.21
CA GLU A 28 8.30 6.02 5.38
C GLU A 28 7.46 4.81 5.08
N CYS A 29 6.97 4.17 6.14
CA CYS A 29 6.21 2.93 6.04
C CYS A 29 5.02 3.07 5.11
N GLN A 30 4.14 4.05 5.37
CA GLN A 30 2.96 4.22 4.53
C GLN A 30 3.32 4.56 3.09
N GLN A 31 4.38 5.36 2.92
CA GLN A 31 4.84 5.74 1.59
C GLN A 31 5.32 4.50 0.84
N ARG A 32 6.00 3.61 1.56
CA ARG A 32 6.48 2.36 1.00
C ARG A 32 5.31 1.48 0.61
N CYS A 33 4.28 1.45 1.46
CA CYS A 33 3.06 0.70 1.16
C CYS A 33 2.44 1.22 -0.13
N GLN A 34 2.48 2.53 -0.30
CA GLN A 34 1.97 3.18 -1.51
C GLN A 34 2.81 2.79 -2.72
N GLN A 35 4.11 2.65 -2.54
CA GLN A 35 4.98 2.22 -3.64
C GLN A 35 4.72 0.76 -3.96
N GLU A 36 4.53 -0.04 -2.91
CA GLU A 36 4.18 -1.44 -3.03
C GLU A 36 2.89 -1.62 -3.80
N TYR A 37 1.94 -0.78 -3.48
CA TYR A 37 0.64 -0.73 -4.17
C TYR A 37 0.82 -0.62 -5.68
N GLN A 38 1.77 0.20 -6.10
CA GLN A 38 2.04 0.43 -7.52
C GLN A 38 2.71 -0.79 -8.14
N ARG A 39 3.31 -1.57 -7.30
CA ARG A 39 4.00 -2.76 -7.73
C ARG A 39 3.03 -3.93 -7.81
N GLU A 40 2.35 -4.20 -6.73
CA GLU A 40 1.49 -5.36 -6.66
C GLU A 40 0.07 -5.10 -7.17
N LYS A 41 -0.14 -3.98 -7.89
CA LYS A 41 -1.46 -3.66 -8.44
C LYS A 41 -1.81 -4.60 -9.59
N GLY A 42 -0.78 -5.03 -10.29
CA GLY A 42 -0.98 -5.92 -11.39
C GLY A 42 -0.31 -7.24 -11.13
N GLN A 43 0.98 -7.26 -11.30
CA GLN A 43 1.76 -8.45 -11.04
C GLN A 43 2.75 -8.12 -9.95
N HIS A 44 2.88 -9.01 -8.98
CA HIS A 44 3.66 -8.75 -7.77
C HIS A 44 5.14 -8.48 -8.00
N GLN A 45 5.83 -9.37 -8.68
CA GLN A 45 7.26 -9.22 -8.87
C GLN A 45 7.55 -8.20 -9.96
N GLY A 46 6.59 -8.00 -10.83
CA GLY A 46 6.73 -7.06 -11.88
C GLY A 46 7.24 -7.73 -13.11
N GLU A 47 6.49 -7.69 -14.16
CA GLU A 47 6.86 -8.33 -15.39
C GLU A 47 7.93 -7.50 -16.09
N THR A 48 8.91 -8.17 -16.60
CA THR A 48 9.97 -7.53 -17.32
C THR A 48 9.72 -7.72 -18.82
N ASN A 49 8.64 -8.40 -19.14
CA ASN A 49 8.24 -8.61 -20.51
C ASN A 49 7.13 -7.66 -20.86
#